data_6D55
#
_entry.id   6D55
#
_cell.length_a   183.476
_cell.length_b   183.476
_cell.length_c   179.397
_cell.angle_alpha   90.00
_cell.angle_beta   90.00
_cell.angle_gamma   90.00
#
_symmetry.space_group_name_H-M   'I 4 2 2'
#
loop_
_entity.id
_entity.type
_entity.pdbx_description
1 polymer 'GTPase HRas'
2 polymer 'Son of sevenless homolog 1'
3 polymer 'GTPase HRas'
4 non-polymer 'PHOSPHOAMINOPHOSPHONIC ACID-GUANYLATE ESTER'
5 non-polymer 'MAGNESIUM ION'
6 non-polymer 6-chloro-2-(2,6-diazaspiro[3.3]heptan-2-yl)-1-[(4-fluoro-3,5-dimethylphenyl)methyl]-4-(4-methylpiperazin-1-yl)-1H-benzimidazole
7 non-polymer 'FORMIC ACID'
8 non-polymer GLYCEROL
9 non-polymer 'SODIUM ION'
10 water water
#
loop_
_entity_poly.entity_id
_entity_poly.type
_entity_poly.pdbx_seq_one_letter_code
_entity_poly.pdbx_strand_id
1 'polypeptide(L)'
;GMTEYKLVVVGAGGVGKSALTIQLIQNHFVDEYDPTIEDSYRKQVVIDGET(CSO)LLDILDTAGQEEASAMRDQYMRTG
EGFLCVFAINNTKSFEDIHQYREQIKRVKDSDDVPMVLVGNKCDLAARTVESRQAQDLARSYGIPYIETSAKTRQGVEDA
FYTLVREIRQH
;
A
2 'polypeptide(L)'
;GQMRLPSADVYRFAEPDSEENIIFEENMQPKAGIPIIKAGTVIKLIERLTYHMYADPNFVRTFLTTYRSFCKPQELLSLI
IERFEIPEPEPTEADRIAIENGDQPLSAELKRFRKEYIQPVQLRVLNVCRHWVEHHFYDFERDAYLLQRMEEFIGTVRGK
AMKKWVESITKIIQRKKIARDNGPGHNITFQSSPPTVEWHISRPGHIETFDLLTLHPIEIARQLTLLESDLYRAVQPSEL
VGSVWTKEDKEINSPNLLKMIRHTTNLTLWFEKCIVETENLEERVAVVSRIIEILQVFQELNNFNGVLEVVSAMNSSPVY
RLDHTFEQIPSRQKKILEEAHELSEDHYKKYLAKLRSINPPCVPFFGIYLTNILKTEEGNPEVLKRHGKELINFSKRRKV
AEITGEIQQYQNQPYCLRVESDIKRFFENLNPMGNSMEKEFTDYLFNKSLEIEPRNPKPLPRFPKKYSYPLKSPGVRPSN
PR
;
B
3 'polypeptide(L)'
;GMTEYKLVVVGAGGVGKSALTIQLIQNHFVDEYDPTIEDSYRKQVVIDGETCLLDILDTAGQEEYSAMRDQYMRTGEGFL
CVFAINNTKSFEDIHQYREQIKRVKDSDDVPMVLVGNKCDLAARTVESRQAQDLARSYGIPYIETSAKTRQGVEDAFYTL
VREIRQH
;
C
#
loop_
_chem_comp.id
_chem_comp.type
_chem_comp.name
_chem_comp.formula
FMT non-polymer 'FORMIC ACID' 'C H2 O2'
FWA non-polymer 6-chloro-2-(2,6-diazaspiro[3.3]heptan-2-yl)-1-[(4-fluoro-3,5-dimethylphenyl)methyl]-4-(4-methylpiperazin-1-yl)-1H-benzimidazole 'C26 H32 Cl F N6'
GNP non-polymer 'PHOSPHOAMINOPHOSPHONIC ACID-GUANYLATE ESTER' 'C10 H17 N6 O13 P3'
GOL non-polymer GLYCEROL 'C3 H8 O3'
MG non-polymer 'MAGNESIUM ION' 'Mg 2'
NA non-polymer 'SODIUM ION' 'Na 1'
#
# COMPACT_ATOMS: atom_id res chain seq x y z
N MET A 2 -1.17 -8.08 16.23
CA MET A 2 0.19 -8.13 15.65
C MET A 2 1.21 -7.36 16.52
N THR A 3 2.15 -8.08 17.11
CA THR A 3 3.27 -7.43 17.77
C THR A 3 4.28 -6.98 16.72
N GLU A 4 4.90 -5.83 16.95
CA GLU A 4 5.93 -5.31 16.07
C GLU A 4 7.28 -5.55 16.72
N TYR A 5 8.27 -5.96 15.93
CA TYR A 5 9.62 -6.27 16.44
C TYR A 5 10.59 -5.43 15.67
N LYS A 6 11.50 -4.75 16.37
CA LYS A 6 12.50 -3.93 15.71
C LYS A 6 13.83 -4.66 15.66
N LEU A 7 14.20 -5.17 14.48
CA LEU A 7 15.43 -5.96 14.33
C LEU A 7 16.45 -5.07 13.66
N VAL A 8 17.72 -5.23 14.04
CA VAL A 8 18.80 -4.44 13.43
C VAL A 8 19.86 -5.43 12.98
N VAL A 9 20.33 -5.26 11.73
CA VAL A 9 21.36 -6.15 11.17
C VAL A 9 22.67 -5.41 11.16
N VAL A 10 23.69 -5.92 11.87
CA VAL A 10 24.97 -5.22 12.02
C VAL A 10 26.13 -6.15 11.69
N GLY A 11 27.29 -5.56 11.44
CA GLY A 11 28.47 -6.34 11.09
C GLY A 11 29.33 -5.60 10.09
N ALA A 12 30.53 -6.13 9.86
CA ALA A 12 31.51 -5.48 9.00
C ALA A 12 31.02 -5.31 7.55
N GLY A 13 31.65 -4.38 6.84
CA GLY A 13 31.27 -4.15 5.45
C GLY A 13 31.52 -5.37 4.59
N GLY A 14 30.54 -5.67 3.74
CA GLY A 14 30.63 -6.74 2.75
C GLY A 14 30.29 -8.13 3.22
N VAL A 15 29.82 -8.29 4.45
CA VAL A 15 29.58 -9.64 4.97
C VAL A 15 28.28 -10.21 4.46
N GLY A 16 27.40 -9.36 3.91
CA GLY A 16 26.14 -9.81 3.32
C GLY A 16 24.88 -9.42 4.13
N LYS A 17 24.97 -8.39 4.98
CA LYS A 17 23.78 -7.93 5.72
C LYS A 17 22.64 -7.59 4.77
N SER A 18 22.93 -6.83 3.71
CA SER A 18 21.88 -6.41 2.82
C SER A 18 21.36 -7.59 2.01
N ALA A 19 22.26 -8.44 1.54
CA ALA A 19 21.80 -9.60 0.78
C ALA A 19 20.94 -10.53 1.64
N LEU A 20 21.29 -10.69 2.92
CA LEU A 20 20.47 -11.51 3.82
C LEU A 20 19.07 -10.90 3.96
N THR A 21 19.04 -9.57 4.20
CA THR A 21 17.76 -8.89 4.40
C THR A 21 16.90 -8.98 3.14
N ILE A 22 17.49 -8.70 1.98
CA ILE A 22 16.69 -8.72 0.73
C ILE A 22 16.27 -10.14 0.38
N GLN A 23 17.08 -11.14 0.67
CA GLN A 23 16.60 -12.54 0.51
C GLN A 23 15.38 -12.80 1.39
N LEU A 24 15.43 -12.38 2.65
CA LEU A 24 14.26 -12.56 3.53
C LEU A 24 13.04 -11.82 2.99
N ILE A 25 13.23 -10.57 2.56
CA ILE A 25 12.07 -9.74 2.23
C ILE A 25 11.51 -10.10 0.87
N GLN A 26 12.39 -10.32 -0.11
CA GLN A 26 11.96 -10.48 -1.51
C GLN A 26 12.25 -11.82 -2.15
N ASN A 27 12.93 -12.73 -1.46
CA ASN A 27 13.34 -14.03 -2.02
C ASN A 27 14.24 -13.88 -3.24
N HIS A 28 15.08 -12.85 -3.24
CA HIS A 28 15.96 -12.50 -4.35
C HIS A 28 17.36 -12.37 -3.77
N PHE A 29 18.38 -12.87 -4.46
CA PHE A 29 19.78 -12.68 -4.07
C PHE A 29 20.39 -11.52 -4.85
N VAL A 30 20.97 -10.53 -4.14
CA VAL A 30 21.62 -9.38 -4.76
C VAL A 30 23.10 -9.71 -4.97
N ASP A 31 23.54 -9.68 -6.23
CA ASP A 31 24.94 -9.96 -6.54
C ASP A 31 25.83 -8.73 -6.39
N GLU A 32 25.27 -7.54 -6.61
CA GLU A 32 26.01 -6.31 -6.49
C GLU A 32 26.38 -6.07 -5.05
N TYR A 33 27.48 -5.36 -4.87
CA TYR A 33 27.96 -4.90 -3.57
C TYR A 33 27.84 -3.38 -3.60
N ASP A 34 26.67 -2.87 -3.14
CA ASP A 34 26.37 -1.44 -3.04
C ASP A 34 26.37 -1.11 -1.55
N PRO A 35 27.41 -0.48 -1.03
CA PRO A 35 27.50 -0.29 0.43
C PRO A 35 26.33 0.54 0.98
N THR A 36 25.77 0.05 2.05
CA THR A 36 24.58 0.63 2.65
C THR A 36 24.97 1.84 3.50
N ILE A 37 24.05 2.82 3.55
CA ILE A 37 24.14 3.89 4.54
C ILE A 37 23.16 3.56 5.65
N GLU A 38 21.87 3.52 5.36
CA GLU A 38 20.89 2.91 6.26
C GLU A 38 19.61 2.68 5.48
N ASP A 39 19.10 1.44 5.53
CA ASP A 39 17.90 1.08 4.81
C ASP A 39 16.96 0.41 5.80
N SER A 40 15.68 0.45 5.48
N SER A 40 15.66 0.49 5.55
CA SER A 40 14.65 -0.10 6.34
CA SER A 40 14.72 -0.18 6.45
C SER A 40 13.75 -1.01 5.52
C SER A 40 13.64 -0.89 5.66
N TYR A 41 13.22 -2.04 6.18
CA TYR A 41 12.29 -2.95 5.51
C TYR A 41 11.23 -3.40 6.51
N ARG A 42 10.04 -3.78 6.00
CA ARG A 42 9.02 -4.34 6.87
C ARG A 42 8.54 -5.65 6.30
N LYS A 43 8.14 -6.55 7.20
CA LYS A 43 7.67 -7.87 6.79
C LYS A 43 6.66 -8.37 7.80
N GLN A 44 5.44 -8.66 7.29
CA GLN A 44 4.46 -9.37 8.10
C GLN A 44 4.64 -10.87 7.93
N VAL A 45 4.72 -11.60 9.04
CA VAL A 45 5.02 -13.03 8.95
C VAL A 45 4.51 -13.73 10.20
N VAL A 46 4.03 -14.96 10.02
CA VAL A 46 3.57 -15.79 11.15
C VAL A 46 4.74 -16.59 11.67
N ILE A 47 5.06 -16.43 12.96
CA ILE A 47 6.19 -17.14 13.56
C ILE A 47 5.61 -17.86 14.79
N ASP A 48 5.78 -19.18 14.84
CA ASP A 48 5.23 -19.98 15.94
C ASP A 48 3.76 -19.67 16.17
N GLY A 49 3.00 -19.54 15.07
CA GLY A 49 1.58 -19.36 15.13
C GLY A 49 1.11 -17.96 15.44
N GLU A 50 2.01 -16.99 15.61
CA GLU A 50 1.63 -15.64 15.98
C GLU A 50 2.08 -14.68 14.89
N THR A 51 1.14 -13.88 14.39
CA THR A 51 1.49 -12.96 13.31
C THR A 51 2.29 -11.82 13.88
N CSO A 52 3.39 -11.47 13.25
CA CSO A 52 3.98 -10.21 13.66
CB CSO A 52 5.05 -10.38 14.66
SG CSO A 52 6.23 -11.43 13.91
C CSO A 52 4.53 -9.42 12.52
O CSO A 52 4.48 -9.83 11.36
OD CSO A 52 5.81 -12.68 15.05
N LEU A 53 4.95 -8.24 12.88
CA LEU A 53 5.42 -7.30 11.92
C LEU A 53 6.87 -7.02 12.22
N LEU A 54 7.76 -7.41 11.32
CA LEU A 54 9.19 -7.15 11.54
C LEU A 54 9.55 -5.83 10.89
N ASP A 55 10.19 -4.95 11.68
CA ASP A 55 10.83 -3.76 11.11
C ASP A 55 12.31 -4.07 11.10
N ILE A 56 12.94 -4.10 9.93
CA ILE A 56 14.35 -4.54 9.85
C ILE A 56 15.20 -3.36 9.39
N LEU A 57 16.17 -2.96 10.24
CA LEU A 57 17.09 -1.89 9.91
C LEU A 57 18.38 -2.55 9.40
N ASP A 58 18.79 -2.16 8.19
CA ASP A 58 19.98 -2.68 7.55
C ASP A 58 21.03 -1.57 7.61
N THR A 59 22.15 -1.82 8.33
CA THR A 59 23.06 -0.75 8.69
C THR A 59 24.32 -0.77 7.85
N ALA A 60 25.13 0.27 8.04
CA ALA A 60 26.37 0.43 7.30
C ALA A 60 27.50 -0.33 8.00
N GLY A 61 28.21 -1.16 7.25
CA GLY A 61 29.38 -1.84 7.77
C GLY A 61 30.65 -1.08 7.45
N GLN A 62 30.66 -0.20 6.45
CA GLN A 62 31.92 0.50 6.14
C GLN A 62 32.42 1.32 7.32
N GLU A 63 33.74 1.30 7.55
CA GLU A 63 34.27 1.96 8.74
C GLU A 63 34.02 3.46 8.74
N GLU A 64 33.82 4.06 7.55
CA GLU A 64 33.58 5.49 7.48
C GLU A 64 32.28 5.91 8.15
N ALA A 65 31.35 4.97 8.37
CA ALA A 65 30.10 5.25 9.07
C ALA A 65 30.16 4.87 10.55
N SER A 66 31.36 4.57 11.09
CA SER A 66 31.42 3.91 12.40
C SER A 66 31.04 4.83 13.55
N ALA A 67 31.02 6.15 13.35
CA ALA A 67 30.64 7.11 14.38
C ALA A 67 29.14 7.36 14.46
N MET A 68 28.33 6.66 13.66
CA MET A 68 26.90 6.95 13.52
C MET A 68 26.01 5.81 14.02
N ARG A 69 26.51 4.96 14.93
CA ARG A 69 25.78 3.75 15.30
C ARG A 69 24.89 3.91 16.53
N ASP A 70 25.30 4.72 17.52
CA ASP A 70 24.48 4.78 18.73
C ASP A 70 23.03 5.00 18.39
N GLN A 71 22.77 5.84 17.37
CA GLN A 71 21.39 6.22 17.09
C GLN A 71 20.54 5.01 16.65
N TYR A 72 21.10 4.09 15.89
CA TYR A 72 20.24 2.93 15.56
C TYR A 72 20.27 1.87 16.67
N MET A 73 21.31 1.83 17.48
CA MET A 73 21.33 0.82 18.53
C MET A 73 20.34 1.15 19.63
N ARG A 74 20.10 2.44 19.89
CA ARG A 74 19.09 2.81 20.87
C ARG A 74 17.73 2.27 20.49
N THR A 75 17.40 2.31 19.20
CA THR A 75 16.02 1.97 18.82
C THR A 75 15.83 0.47 18.70
N GLY A 76 16.88 -0.30 18.43
CA GLY A 76 16.66 -1.71 18.08
C GLY A 76 16.30 -2.55 19.31
N GLU A 77 15.44 -3.54 19.09
N GLU A 77 15.49 -3.59 19.09
CA GLU A 77 15.12 -4.50 20.13
CA GLU A 77 15.11 -4.54 20.15
C GLU A 77 16.06 -5.68 20.12
C GLU A 77 15.86 -5.85 20.08
N GLY A 78 16.43 -6.15 18.93
CA GLY A 78 17.28 -7.32 18.80
C GLY A 78 18.22 -7.13 17.64
N PHE A 79 19.38 -7.79 17.70
CA PHE A 79 20.42 -7.53 16.70
C PHE A 79 20.94 -8.82 16.10
N LEU A 80 20.96 -8.88 14.77
N LEU A 80 21.06 -8.82 14.78
CA LEU A 80 21.68 -9.95 14.09
CA LEU A 80 21.65 -9.93 14.04
C LEU A 80 23.11 -9.46 13.93
C LEU A 80 23.10 -9.55 13.77
N CYS A 81 24.06 -10.20 14.47
CA CYS A 81 25.46 -9.81 14.40
C CYS A 81 26.08 -10.72 13.35
N VAL A 82 26.39 -10.16 12.18
CA VAL A 82 26.73 -10.94 11.00
C VAL A 82 28.22 -10.82 10.70
N PHE A 83 28.88 -11.97 10.44
CA PHE A 83 30.22 -11.94 9.87
C PHE A 83 30.15 -12.92 8.70
N ALA A 84 31.22 -12.99 7.91
CA ALA A 84 31.26 -13.91 6.76
C ALA A 84 32.27 -15.01 7.06
N ILE A 85 31.91 -16.27 6.78
CA ILE A 85 32.78 -17.38 7.20
C ILE A 85 34.04 -17.48 6.36
N ASN A 86 34.18 -16.67 5.31
CA ASN A 86 35.46 -16.61 4.58
C ASN A 86 36.21 -15.31 4.87
N ASN A 87 35.88 -14.60 5.95
N ASN A 87 35.91 -14.65 5.99
CA ASN A 87 36.57 -13.34 6.24
CA ASN A 87 36.50 -13.34 6.31
C ASN A 87 36.86 -13.28 7.74
C ASN A 87 36.82 -13.31 7.80
N THR A 88 38.10 -13.63 8.11
N THR A 88 38.06 -13.68 8.17
CA THR A 88 38.44 -13.72 9.54
CA THR A 88 38.38 -13.72 9.60
C THR A 88 38.35 -12.35 10.21
C THR A 88 38.35 -12.34 10.23
N LYS A 89 38.71 -11.28 9.49
CA LYS A 89 38.59 -9.94 10.09
C LYS A 89 37.15 -9.63 10.48
N SER A 90 36.17 -10.05 9.66
CA SER A 90 34.77 -9.74 9.98
C SER A 90 34.36 -10.47 11.26
N PHE A 91 34.91 -11.68 11.50
CA PHE A 91 34.60 -12.37 12.75
C PHE A 91 35.25 -11.64 13.93
N GLU A 92 36.49 -11.18 13.78
CA GLU A 92 37.11 -10.39 14.86
C GLU A 92 36.34 -9.10 15.13
N ASP A 93 35.70 -8.50 14.13
CA ASP A 93 34.92 -7.29 14.36
C ASP A 93 33.66 -7.55 15.18
N ILE A 94 33.21 -8.80 15.33
CA ILE A 94 31.93 -9.04 16.02
C ILE A 94 31.97 -8.49 17.42
N HIS A 95 33.09 -8.69 18.12
CA HIS A 95 33.05 -8.33 19.52
C HIS A 95 32.90 -6.83 19.72
N GLN A 96 33.43 -6.02 18.79
N GLN A 96 33.42 -6.03 18.78
CA GLN A 96 33.22 -4.57 18.84
CA GLN A 96 33.23 -4.58 18.85
C GLN A 96 31.73 -4.22 18.79
C GLN A 96 31.76 -4.18 18.74
N TYR A 97 31.01 -4.85 17.86
CA TYR A 97 29.56 -4.59 17.74
C TYR A 97 28.84 -5.02 19.02
N ARG A 98 29.18 -6.21 19.53
CA ARG A 98 28.54 -6.71 20.74
C ARG A 98 28.76 -5.76 21.91
N GLU A 99 30.00 -5.27 22.07
CA GLU A 99 30.28 -4.41 23.19
C GLU A 99 29.58 -3.06 23.03
N GLN A 100 29.54 -2.55 21.80
CA GLN A 100 28.87 -1.26 21.60
C GLN A 100 27.38 -1.36 21.87
N ILE A 101 26.75 -2.44 21.43
CA ILE A 101 25.31 -2.59 21.68
C ILE A 101 25.06 -2.62 23.18
N LYS A 102 25.87 -3.38 23.91
CA LYS A 102 25.71 -3.50 25.36
C LYS A 102 25.86 -2.14 26.04
N ARG A 103 26.83 -1.33 25.60
N ARG A 103 26.83 -1.33 25.60
CA ARG A 103 27.01 -0.01 26.21
CA ARG A 103 27.03 -0.01 26.19
C ARG A 103 25.82 0.89 25.93
C ARG A 103 25.83 0.89 25.92
N VAL A 104 25.41 0.98 24.65
CA VAL A 104 24.34 1.89 24.28
C VAL A 104 23.05 1.51 24.99
N LYS A 105 22.72 0.23 25.02
CA LYS A 105 21.47 -0.17 25.63
C LYS A 105 21.62 -0.33 27.14
N ASP A 106 22.81 -0.09 27.67
CA ASP A 106 23.13 -0.27 29.09
C ASP A 106 22.54 -1.58 29.64
N SER A 107 22.92 -2.69 28.99
CA SER A 107 22.33 -3.98 29.32
C SER A 107 23.28 -5.09 28.92
N ASP A 108 23.35 -6.12 29.76
CA ASP A 108 24.13 -7.31 29.50
C ASP A 108 23.32 -8.40 28.82
N ASP A 109 22.04 -8.14 28.57
CA ASP A 109 21.06 -9.14 28.15
C ASP A 109 20.25 -8.67 26.94
N VAL A 110 20.93 -8.21 25.91
CA VAL A 110 20.21 -7.74 24.72
C VAL A 110 19.94 -8.91 23.79
N PRO A 111 18.71 -9.08 23.23
CA PRO A 111 18.48 -10.17 22.27
C PRO A 111 19.42 -10.05 21.07
N MET A 112 20.13 -11.13 20.78
N MET A 112 20.10 -11.14 20.76
CA MET A 112 21.11 -11.18 19.68
CA MET A 112 21.08 -11.15 19.66
C MET A 112 21.19 -12.60 19.13
C MET A 112 21.16 -12.58 19.12
N VAL A 113 21.53 -12.69 17.84
CA VAL A 113 21.90 -13.95 17.21
C VAL A 113 23.20 -13.71 16.47
N LEU A 114 24.15 -14.66 16.58
CA LEU A 114 25.38 -14.60 15.81
C LEU A 114 25.18 -15.33 14.49
N VAL A 115 25.51 -14.66 13.37
CA VAL A 115 25.24 -15.21 12.05
C VAL A 115 26.53 -15.33 11.29
N GLY A 116 26.83 -16.57 10.83
CA GLY A 116 27.99 -16.76 9.95
C GLY A 116 27.51 -16.92 8.51
N ASN A 117 27.65 -15.86 7.70
CA ASN A 117 27.06 -15.83 6.38
C ASN A 117 28.07 -16.31 5.32
N LYS A 118 27.54 -16.49 4.09
CA LYS A 118 28.28 -17.00 2.91
C LYS A 118 28.63 -18.48 3.07
N CYS A 119 27.73 -19.26 3.71
CA CYS A 119 28.08 -20.66 3.97
C CYS A 119 27.95 -21.52 2.73
N ASP A 120 27.54 -20.93 1.59
CA ASP A 120 27.60 -21.59 0.30
C ASP A 120 29.02 -21.67 -0.26
N LEU A 121 29.94 -20.92 0.29
CA LEU A 121 31.30 -20.87 -0.23
C LEU A 121 32.14 -21.97 0.42
N ALA A 122 32.88 -22.71 -0.42
CA ALA A 122 33.67 -23.84 0.11
C ALA A 122 34.85 -23.36 0.94
N ALA A 123 35.47 -22.25 0.55
CA ALA A 123 36.73 -21.77 1.12
C ALA A 123 36.52 -21.02 2.44
N ARG A 124 36.15 -21.78 3.47
CA ARG A 124 35.91 -21.22 4.80
C ARG A 124 37.22 -20.87 5.53
N THR A 125 37.24 -19.76 6.26
CA THR A 125 38.39 -19.44 7.10
C THR A 125 38.06 -19.28 8.58
N VAL A 126 36.79 -19.18 8.94
CA VAL A 126 36.32 -19.21 10.32
C VAL A 126 35.64 -20.55 10.52
N GLU A 127 36.14 -21.35 11.46
CA GLU A 127 35.51 -22.64 11.71
C GLU A 127 34.24 -22.46 12.55
N SER A 128 33.27 -23.35 12.33
CA SER A 128 32.01 -23.30 13.09
C SER A 128 32.25 -23.34 14.58
N ARG A 129 33.17 -24.19 15.03
CA ARG A 129 33.46 -24.31 16.46
C ARG A 129 33.90 -22.99 17.08
N GLN A 130 34.79 -22.25 16.41
CA GLN A 130 35.22 -20.97 16.97
C GLN A 130 34.04 -20.02 17.13
N ALA A 131 33.17 -19.96 16.11
CA ALA A 131 32.02 -19.07 16.22
C ALA A 131 31.06 -19.56 17.30
N GLN A 132 30.84 -20.88 17.36
CA GLN A 132 29.92 -21.41 18.37
C GLN A 132 30.43 -21.13 19.78
N ASP A 133 31.75 -21.25 19.98
CA ASP A 133 32.30 -20.92 21.31
C ASP A 133 32.00 -19.47 21.68
N LEU A 134 32.16 -18.55 20.72
CA LEU A 134 31.90 -17.15 20.98
C LEU A 134 30.44 -16.94 21.31
N ALA A 135 29.55 -17.55 20.50
CA ALA A 135 28.13 -17.44 20.79
C ALA A 135 27.79 -17.94 22.20
N ARG A 136 28.36 -19.08 22.62
CA ARG A 136 28.06 -19.57 23.97
C ARG A 136 28.52 -18.58 25.02
N SER A 137 29.67 -17.95 24.78
CA SER A 137 30.16 -16.95 25.74
C SER A 137 29.23 -15.75 25.86
N TYR A 138 28.45 -15.47 24.79
CA TYR A 138 27.46 -14.42 24.81
C TYR A 138 26.09 -14.89 25.27
N GLY A 139 25.87 -16.21 25.42
CA GLY A 139 24.54 -16.70 25.73
C GLY A 139 23.58 -16.70 24.57
N ILE A 140 24.06 -16.74 23.32
CA ILE A 140 23.16 -16.57 22.17
C ILE A 140 23.37 -17.70 21.17
N PRO A 141 22.39 -17.93 20.28
CA PRO A 141 22.58 -18.97 19.27
C PRO A 141 23.48 -18.51 18.14
N TYR A 142 24.01 -19.49 17.41
CA TYR A 142 24.86 -19.25 16.23
C TYR A 142 24.19 -19.96 15.05
N ILE A 143 23.92 -19.22 13.98
CA ILE A 143 23.24 -19.79 12.81
C ILE A 143 24.07 -19.45 11.57
N GLU A 144 24.42 -20.48 10.78
CA GLU A 144 25.13 -20.22 9.52
C GLU A 144 24.11 -20.06 8.42
N THR A 145 24.38 -19.10 7.53
CA THR A 145 23.41 -18.68 6.52
C THR A 145 24.08 -18.56 5.16
N SER A 146 23.23 -18.59 4.13
CA SER A 146 23.63 -18.15 2.80
C SER A 146 22.54 -17.29 2.22
N ALA A 147 22.84 -15.99 1.98
CA ALA A 147 21.87 -15.14 1.29
C ALA A 147 21.67 -15.61 -0.12
N LYS A 148 22.61 -16.37 -0.64
CA LYS A 148 22.55 -16.80 -2.04
C LYS A 148 21.60 -17.98 -2.22
N THR A 149 21.72 -18.99 -1.36
CA THR A 149 20.87 -20.18 -1.47
C THR A 149 19.64 -20.17 -0.58
N ARG A 150 19.53 -19.22 0.37
CA ARG A 150 18.51 -19.12 1.42
C ARG A 150 18.78 -20.01 2.61
N GLN A 151 19.80 -20.86 2.60
CA GLN A 151 20.06 -21.73 3.75
C GLN A 151 20.14 -20.88 5.02
N GLY A 152 19.37 -21.26 6.04
CA GLY A 152 19.45 -20.64 7.35
C GLY A 152 18.85 -19.25 7.47
N VAL A 153 18.41 -18.62 6.39
CA VAL A 153 18.05 -17.19 6.46
C VAL A 153 16.83 -16.98 7.34
N GLU A 154 15.75 -17.75 7.12
CA GLU A 154 14.59 -17.60 7.98
C GLU A 154 14.93 -17.98 9.41
N ASP A 155 15.69 -19.04 9.58
CA ASP A 155 16.09 -19.47 10.92
C ASP A 155 16.80 -18.34 11.67
N ALA A 156 17.71 -17.61 11.01
CA ALA A 156 18.42 -16.54 11.72
C ALA A 156 17.45 -15.43 12.18
N PHE A 157 16.64 -14.91 11.24
CA PHE A 157 15.78 -13.80 11.63
C PHE A 157 14.71 -14.25 12.61
N TYR A 158 14.13 -15.44 12.40
CA TYR A 158 13.01 -15.80 13.26
C TYR A 158 13.50 -16.30 14.62
N THR A 159 14.73 -16.82 14.70
CA THR A 159 15.30 -17.07 16.03
C THR A 159 15.46 -15.78 16.80
N LEU A 160 15.88 -14.69 16.13
CA LEU A 160 16.00 -13.40 16.83
C LEU A 160 14.65 -12.93 17.33
N VAL A 161 13.58 -13.08 16.51
CA VAL A 161 12.25 -12.73 17.00
C VAL A 161 11.92 -13.50 18.28
N ARG A 162 12.19 -14.80 18.29
CA ARG A 162 11.92 -15.60 19.49
C ARG A 162 12.72 -15.10 20.68
N GLU A 163 13.92 -14.60 20.47
N GLU A 163 13.98 -14.69 20.45
CA GLU A 163 14.69 -14.14 21.61
CA GLU A 163 14.79 -14.11 21.52
C GLU A 163 14.23 -12.80 22.13
C GLU A 163 14.07 -12.90 22.12
N ILE A 164 13.63 -11.98 21.27
CA ILE A 164 12.92 -10.80 21.74
C ILE A 164 11.66 -11.19 22.49
N ARG A 165 10.89 -12.15 21.93
CA ARG A 165 9.65 -12.57 22.55
C ARG A 165 9.89 -13.11 23.96
N GLN A 166 11.01 -13.78 24.17
CA GLN A 166 11.22 -14.44 25.47
C GLN A 166 12.00 -13.56 26.43
N HIS A 167 12.45 -12.39 25.99
CA HIS A 167 13.22 -11.46 26.81
C HIS A 167 12.39 -10.87 27.96
N GLY B 1 29.64 20.77 25.77
CA GLY B 1 28.59 21.60 25.21
C GLY B 1 28.18 21.10 23.85
N GLN B 2 27.07 21.61 23.33
CA GLN B 2 26.74 21.28 21.95
C GLN B 2 27.78 21.88 21.01
N MET B 3 27.85 21.30 19.82
CA MET B 3 28.73 21.88 18.81
C MET B 3 28.17 23.22 18.41
N ARG B 4 29.07 24.15 18.13
CA ARG B 4 28.63 25.37 17.48
C ARG B 4 28.34 25.07 16.01
N LEU B 5 27.54 25.93 15.39
CA LEU B 5 27.05 25.74 14.04
C LEU B 5 27.53 26.90 13.19
N PRO B 6 27.49 26.77 11.86
CA PRO B 6 27.78 27.93 11.03
C PRO B 6 26.70 28.96 11.26
N SER B 7 27.02 30.20 10.94
CA SER B 7 26.04 31.26 10.99
C SER B 7 24.90 30.98 10.04
N ALA B 8 23.67 31.23 10.51
CA ALA B 8 22.51 30.96 9.68
C ALA B 8 22.45 31.85 8.44
N ASP B 9 23.25 32.91 8.40
CA ASP B 9 23.29 33.75 7.19
C ASP B 9 24.19 33.19 6.08
N VAL B 10 25.16 32.34 6.39
CA VAL B 10 25.90 31.64 5.32
C VAL B 10 25.39 30.22 5.10
N TYR B 11 24.64 29.67 6.03
CA TYR B 11 24.18 28.29 5.92
C TYR B 11 22.77 28.23 6.48
N ARG B 12 21.77 28.07 5.59
CA ARG B 12 20.39 28.29 6.00
C ARG B 12 19.88 27.24 6.96
N PHE B 13 20.53 26.07 7.03
CA PHE B 13 19.99 24.98 7.84
C PHE B 13 20.46 25.02 9.29
N ALA B 14 21.03 26.13 9.74
CA ALA B 14 21.42 26.28 11.13
C ALA B 14 20.49 27.23 11.88
N GLU B 15 19.41 27.67 11.26
CA GLU B 15 18.46 28.52 11.98
C GLU B 15 17.86 27.75 13.16
N PRO B 16 17.69 28.39 14.33
CA PRO B 16 17.13 27.63 15.46
C PRO B 16 15.69 27.19 15.17
N ASP B 17 15.33 26.04 15.73
CA ASP B 17 13.94 25.59 15.67
C ASP B 17 13.07 26.58 16.42
N SER B 18 11.91 26.89 15.86
CA SER B 18 10.90 27.66 16.59
C SER B 18 9.55 27.21 16.06
N GLU B 19 8.48 27.63 16.75
CA GLU B 19 7.14 27.32 16.20
C GLU B 19 6.81 28.10 14.94
N GLU B 20 7.63 29.06 14.54
CA GLU B 20 7.44 29.72 13.25
C GLU B 20 8.02 28.89 12.11
N ASN B 21 8.78 27.83 12.41
CA ASN B 21 9.34 27.04 11.33
C ASN B 21 9.23 25.52 11.49
N ILE B 22 8.89 24.99 12.66
CA ILE B 22 8.69 23.53 12.79
C ILE B 22 7.78 23.28 13.98
N ILE B 23 6.85 22.33 13.83
CA ILE B 23 5.97 21.94 14.91
C ILE B 23 6.04 20.42 15.02
N PHE B 24 6.26 19.92 16.22
CA PHE B 24 6.35 18.48 16.44
C PHE B 24 5.03 17.93 16.97
N GLU B 25 4.74 16.67 16.65
CA GLU B 25 3.66 15.97 17.34
C GLU B 25 4.01 15.78 18.82
N GLU B 26 2.98 15.59 19.64
CA GLU B 26 3.18 15.18 21.03
C GLU B 26 3.53 13.67 21.06
N GLY B 33 12.98 6.97 20.03
CA GLY B 33 12.50 8.12 20.77
C GLY B 33 12.71 9.41 20.00
N ILE B 34 12.76 9.33 18.67
CA ILE B 34 13.05 10.53 17.87
C ILE B 34 11.77 11.33 17.65
N PRO B 35 11.87 12.64 17.47
CA PRO B 35 10.67 13.47 17.31
C PRO B 35 9.94 13.13 16.02
N ILE B 36 8.63 13.36 16.04
CA ILE B 36 7.76 13.20 14.88
C ILE B 36 7.28 14.59 14.46
N ILE B 37 7.46 14.92 13.18
CA ILE B 37 7.17 16.27 12.69
C ILE B 37 5.73 16.38 12.26
N LYS B 38 5.02 17.37 12.82
CA LYS B 38 3.67 17.69 12.35
C LYS B 38 3.69 18.60 11.13
N ALA B 39 4.51 19.68 11.20
CA ALA B 39 4.50 20.67 10.14
C ALA B 39 5.85 21.38 10.15
N GLY B 40 6.24 21.96 9.01
CA GLY B 40 7.49 22.71 9.05
C GLY B 40 7.70 23.41 7.74
N THR B 41 8.67 24.35 7.71
CA THR B 41 9.05 24.88 6.41
C THR B 41 9.81 23.80 5.65
N VAL B 42 9.97 24.02 4.33
CA VAL B 42 10.71 23.03 3.54
C VAL B 42 12.16 22.93 4.01
N ILE B 43 12.77 24.08 4.40
CA ILE B 43 14.14 24.07 4.93
C ILE B 43 14.22 23.19 6.18
N LYS B 44 13.24 23.32 7.10
CA LYS B 44 13.30 22.50 8.30
C LYS B 44 13.04 21.00 8.00
N LEU B 45 12.14 20.71 7.06
CA LEU B 45 11.92 19.31 6.70
C LEU B 45 13.20 18.71 6.13
N ILE B 46 13.92 19.47 5.32
CA ILE B 46 15.15 18.92 4.72
C ILE B 46 16.25 18.79 5.77
N GLU B 47 16.33 19.75 6.69
CA GLU B 47 17.26 19.61 7.82
C GLU B 47 17.01 18.31 8.59
N ARG B 48 15.74 18.03 8.91
CA ARG B 48 15.46 16.86 9.73
C ARG B 48 15.54 15.57 8.91
N LEU B 49 15.36 15.69 7.62
CA LEU B 49 15.55 14.55 6.70
C LEU B 49 16.97 14.04 6.72
N THR B 50 17.90 14.91 7.06
CA THR B 50 19.34 14.66 6.95
C THR B 50 20.01 15.08 8.27
N TYR B 51 19.36 14.76 9.39
CA TYR B 51 19.75 15.35 10.69
C TYR B 51 21.04 14.75 11.21
N HIS B 52 21.85 15.58 11.90
CA HIS B 52 23.14 15.04 12.31
C HIS B 52 23.03 14.07 13.48
N MET B 53 21.95 14.11 14.24
CA MET B 53 21.91 13.32 15.48
C MET B 53 21.35 11.93 15.27
N TYR B 54 20.53 11.71 14.24
CA TYR B 54 19.95 10.38 14.07
C TYR B 54 19.56 10.24 12.62
N ALA B 55 19.46 8.98 12.18
CA ALA B 55 18.87 8.65 10.88
C ALA B 55 17.37 8.32 11.07
N ASP B 56 16.61 8.49 10.02
CA ASP B 56 15.16 8.35 10.11
C ASP B 56 14.70 7.75 8.79
N PRO B 57 14.99 6.47 8.56
CA PRO B 57 14.75 5.90 7.22
C PRO B 57 13.27 5.91 6.86
N ASN B 58 12.37 5.86 7.83
N ASN B 58 12.39 5.77 7.85
CA ASN B 58 10.96 5.94 7.45
CA ASN B 58 10.96 5.96 7.61
C ASN B 58 10.55 7.37 7.11
C ASN B 58 10.73 7.31 6.96
N PHE B 59 11.31 8.36 7.58
CA PHE B 59 11.06 9.72 7.14
C PHE B 59 11.62 9.91 5.72
N VAL B 60 12.76 9.27 5.40
CA VAL B 60 13.29 9.37 4.04
C VAL B 60 12.27 8.81 3.05
N ARG B 61 11.73 7.63 3.35
CA ARG B 61 10.74 7.08 2.42
C ARG B 61 9.48 7.97 2.37
N THR B 62 8.98 8.40 3.53
N THR B 62 9.00 8.44 3.51
CA THR B 62 7.79 9.25 3.53
CA THR B 62 7.76 9.20 3.45
C THR B 62 8.02 10.49 2.68
C THR B 62 7.97 10.54 2.74
N PHE B 63 9.14 11.17 2.94
CA PHE B 63 9.43 12.41 2.23
C PHE B 63 9.58 12.15 0.73
N LEU B 64 10.40 11.16 0.32
CA LEU B 64 10.61 10.96 -1.12
C LEU B 64 9.34 10.47 -1.82
N THR B 65 8.42 9.82 -1.08
CA THR B 65 7.16 9.43 -1.70
C THR B 65 6.22 10.59 -1.95
N THR B 66 6.23 11.59 -1.04
CA THR B 66 5.17 12.58 -1.00
C THR B 66 5.59 14.01 -1.29
N TYR B 67 6.89 14.30 -1.48
CA TYR B 67 7.32 15.70 -1.43
C TYR B 67 6.82 16.54 -2.62
N ARG B 68 6.39 15.90 -3.72
CA ARG B 68 6.10 16.69 -4.90
C ARG B 68 4.83 17.51 -4.71
N SER B 69 4.06 17.22 -3.66
CA SER B 69 2.92 18.08 -3.31
C SER B 69 3.36 19.39 -2.70
N PHE B 70 4.63 19.55 -2.32
CA PHE B 70 5.04 20.84 -1.76
C PHE B 70 6.40 21.36 -2.24
N CYS B 71 7.10 20.63 -3.10
CA CYS B 71 8.43 21.04 -3.55
C CYS B 71 8.67 20.36 -4.89
N LYS B 72 9.09 21.13 -5.93
CA LYS B 72 9.39 20.49 -7.21
C LYS B 72 10.66 19.65 -7.12
N PRO B 73 10.79 18.62 -7.95
CA PRO B 73 12.05 17.83 -7.94
C PRO B 73 13.28 18.67 -8.16
N GLN B 74 13.24 19.64 -9.09
CA GLN B 74 14.46 20.42 -9.32
C GLN B 74 14.82 21.22 -8.07
N GLU B 75 13.82 21.71 -7.36
CA GLU B 75 14.06 22.50 -6.17
C GLU B 75 14.56 21.62 -5.02
N LEU B 76 14.02 20.40 -4.90
CA LEU B 76 14.57 19.46 -3.90
C LEU B 76 16.06 19.23 -4.11
N LEU B 77 16.46 18.94 -5.34
CA LEU B 77 17.88 18.70 -5.59
C LEU B 77 18.70 19.93 -5.21
N SER B 78 18.25 21.13 -5.58
CA SER B 78 19.00 22.32 -5.20
C SER B 78 19.13 22.43 -3.68
N LEU B 79 18.04 22.15 -2.96
CA LEU B 79 18.10 22.24 -1.51
C LEU B 79 19.03 21.20 -0.89
N ILE B 80 19.03 19.96 -1.40
CA ILE B 80 19.91 19.00 -0.74
C ILE B 80 21.38 19.24 -1.11
N ILE B 81 21.68 19.80 -2.30
CA ILE B 81 23.06 20.22 -2.57
C ILE B 81 23.47 21.34 -1.63
N GLU B 82 22.56 22.30 -1.40
CA GLU B 82 22.83 23.36 -0.43
C GLU B 82 23.09 22.78 0.96
N ARG B 83 22.28 21.78 1.36
CA ARG B 83 22.46 21.14 2.67
C ARG B 83 23.83 20.49 2.77
N PHE B 84 24.30 19.93 1.67
CA PHE B 84 25.54 19.17 1.64
C PHE B 84 26.76 20.06 1.81
N GLU B 85 26.67 21.31 1.37
N GLU B 85 26.70 21.30 1.33
CA GLU B 85 27.83 22.22 1.29
CA GLU B 85 27.87 22.18 1.29
C GLU B 85 27.97 22.98 2.60
C GLU B 85 27.96 22.96 2.60
N ILE B 86 28.53 22.28 3.60
CA ILE B 86 28.60 22.81 4.97
C ILE B 86 29.93 23.50 5.20
N PRO B 87 29.93 24.75 5.67
CA PRO B 87 31.20 25.43 5.94
C PRO B 87 31.86 24.87 7.17
N GLU B 88 33.25 24.79 7.13
CA GLU B 88 34.00 24.35 8.31
C GLU B 88 34.31 25.55 9.20
N PRO B 89 34.37 25.32 10.50
CA PRO B 89 34.65 26.43 11.42
C PRO B 89 36.10 26.91 11.30
N GLU B 90 36.31 28.18 11.65
CA GLU B 90 37.68 28.73 11.69
C GLU B 90 38.47 28.21 12.90
N PRO B 91 39.81 28.30 12.86
CA PRO B 91 40.61 27.87 14.02
C PRO B 91 40.20 28.60 15.29
N THR B 92 40.27 27.90 16.43
CA THR B 92 39.96 28.47 17.73
C THR B 92 41.17 29.21 18.29
N GLU B 93 40.95 29.86 19.43
CA GLU B 93 42.04 30.60 20.09
C GLU B 93 43.21 29.67 20.41
N ALA B 94 42.94 28.46 20.88
CA ALA B 94 44.06 27.57 21.20
C ALA B 94 44.82 27.16 19.94
N ASP B 95 44.08 26.90 18.86
CA ASP B 95 44.74 26.62 17.58
C ASP B 95 45.61 27.78 17.12
N ARG B 96 45.07 29.00 17.25
N ARG B 96 45.09 29.00 17.26
CA ARG B 96 45.76 30.23 16.89
CA ARG B 96 45.85 30.17 16.84
C ARG B 96 47.10 30.34 17.63
C ARG B 96 47.15 30.29 17.63
N ILE B 97 47.07 30.07 18.93
CA ILE B 97 48.27 30.20 19.74
C ILE B 97 49.29 29.12 19.35
N ALA B 98 48.82 27.92 19.04
CA ALA B 98 49.76 26.88 18.59
C ALA B 98 50.45 27.29 17.30
N ILE B 99 49.66 27.76 16.34
CA ILE B 99 50.22 28.15 15.05
C ILE B 99 51.19 29.30 15.23
N GLU B 100 50.90 30.26 16.12
CA GLU B 100 51.82 31.37 16.32
C GLU B 100 53.14 30.93 16.86
N ASN B 101 53.18 29.77 17.51
CA ASN B 101 54.40 29.24 18.10
C ASN B 101 55.06 28.22 17.18
N GLY B 102 54.59 28.11 15.95
CA GLY B 102 55.12 27.18 14.98
C GLY B 102 54.75 25.73 15.21
N ASP B 103 53.75 25.46 16.05
CA ASP B 103 53.32 24.10 16.34
C ASP B 103 52.09 23.70 15.52
N GLN B 104 51.82 22.41 15.48
CA GLN B 104 50.59 21.97 14.84
C GLN B 104 49.43 22.16 15.80
N PRO B 105 48.33 22.76 15.37
CA PRO B 105 47.17 22.88 16.25
C PRO B 105 46.50 21.53 16.48
N LEU B 106 45.82 21.43 17.61
CA LEU B 106 45.06 20.21 17.91
C LEU B 106 43.79 20.18 17.08
N SER B 107 43.22 21.36 16.79
CA SER B 107 41.98 21.46 15.97
C SER B 107 40.86 20.56 16.52
N ALA B 108 40.73 20.52 17.84
CA ALA B 108 39.76 19.60 18.47
C ALA B 108 38.33 19.92 18.02
N GLU B 109 37.95 21.20 18.06
CA GLU B 109 36.57 21.56 17.70
C GLU B 109 36.31 21.30 16.20
N LEU B 110 37.29 21.61 15.35
CA LEU B 110 37.15 21.31 13.93
C LEU B 110 36.99 19.81 13.68
N LYS B 111 37.84 19.00 14.32
CA LYS B 111 37.71 17.55 14.14
C LYS B 111 36.37 17.03 14.63
N ARG B 112 35.90 17.52 15.76
CA ARG B 112 34.60 17.07 16.26
C ARG B 112 33.50 17.49 15.30
N PHE B 113 33.56 18.74 14.80
CA PHE B 113 32.48 19.19 13.89
C PHE B 113 32.45 18.34 12.62
N ARG B 114 33.63 18.02 12.08
CA ARG B 114 33.68 17.13 10.90
C ARG B 114 33.06 15.77 11.22
N LYS B 115 33.43 15.19 12.36
CA LYS B 115 33.05 13.82 12.70
C LYS B 115 31.59 13.73 13.10
N GLU B 116 31.05 14.76 13.79
CA GLU B 116 29.72 14.65 14.39
C GLU B 116 28.66 15.49 13.69
N TYR B 117 29.05 16.44 12.83
CA TYR B 117 28.08 17.22 12.06
C TYR B 117 28.26 16.99 10.57
N ILE B 118 29.43 17.33 9.99
CA ILE B 118 29.55 17.33 8.54
C ILE B 118 29.39 15.91 7.99
N GLN B 119 30.16 14.95 8.54
CA GLN B 119 30.10 13.62 7.94
C GLN B 119 28.74 12.96 8.07
N PRO B 120 28.06 13.00 9.21
CA PRO B 120 26.71 12.43 9.24
C PRO B 120 25.73 13.16 8.33
N VAL B 121 25.73 14.49 8.30
CA VAL B 121 24.77 15.20 7.43
C VAL B 121 25.07 14.86 5.99
N GLN B 122 26.35 14.88 5.59
CA GLN B 122 26.67 14.60 4.19
C GLN B 122 26.31 13.16 3.82
N LEU B 123 26.57 12.22 4.70
CA LEU B 123 26.22 10.83 4.40
C LEU B 123 24.71 10.68 4.31
N ARG B 124 23.98 11.42 5.17
CA ARG B 124 22.52 11.32 5.09
C ARG B 124 21.96 12.01 3.85
N VAL B 125 22.61 13.09 3.36
CA VAL B 125 22.24 13.63 2.04
C VAL B 125 22.47 12.58 0.96
N LEU B 126 23.61 11.91 0.97
CA LEU B 126 23.83 10.88 -0.03
C LEU B 126 22.83 9.74 0.11
N ASN B 127 22.39 9.44 1.33
CA ASN B 127 21.38 8.38 1.47
C ASN B 127 20.06 8.83 0.86
N VAL B 128 19.72 10.11 1.00
CA VAL B 128 18.54 10.62 0.28
C VAL B 128 18.72 10.43 -1.23
N CYS B 129 19.90 10.82 -1.75
CA CYS B 129 20.12 10.64 -3.18
C CYS B 129 20.00 9.18 -3.59
N ARG B 130 20.57 8.30 -2.78
CA ARG B 130 20.57 6.88 -3.13
C ARG B 130 19.14 6.33 -3.14
N HIS B 131 18.36 6.67 -2.12
CA HIS B 131 16.95 6.22 -2.08
C HIS B 131 16.15 6.85 -3.22
N TRP B 132 16.45 8.11 -3.56
CA TRP B 132 15.72 8.80 -4.63
C TRP B 132 15.95 8.08 -5.95
N VAL B 133 17.23 7.78 -6.24
CA VAL B 133 17.54 7.05 -7.48
C VAL B 133 17.02 5.63 -7.45
N GLU B 134 17.14 4.94 -6.34
CA GLU B 134 16.78 3.51 -6.35
C GLU B 134 15.28 3.26 -6.38
N HIS B 135 14.53 4.07 -5.66
CA HIS B 135 13.12 3.81 -5.40
C HIS B 135 12.17 4.85 -5.96
N HIS B 136 12.67 5.96 -6.47
CA HIS B 136 11.78 7.01 -7.00
C HIS B 136 12.40 7.55 -8.26
N PHE B 137 12.91 6.64 -9.11
CA PHE B 137 13.65 7.04 -10.29
C PHE B 137 12.76 7.70 -11.33
N TYR B 138 11.44 7.56 -11.23
CA TYR B 138 10.59 8.22 -12.22
C TYR B 138 10.82 9.70 -12.33
N ASP B 139 11.26 10.37 -11.27
CA ASP B 139 11.51 11.80 -11.42
C ASP B 139 12.53 12.06 -12.50
N PHE B 140 13.55 11.19 -12.56
CA PHE B 140 14.66 11.29 -13.49
C PHE B 140 14.28 10.77 -14.86
N GLU B 141 13.38 9.76 -14.94
CA GLU B 141 12.90 9.31 -16.25
C GLU B 141 12.13 10.42 -16.92
N ARG B 142 11.44 11.24 -16.13
CA ARG B 142 10.53 12.24 -16.66
C ARG B 142 11.19 13.58 -16.88
N ASP B 143 12.40 13.75 -16.35
CA ASP B 143 13.12 15.02 -16.51
C ASP B 143 14.60 14.68 -16.67
N ALA B 144 15.05 14.58 -17.92
CA ALA B 144 16.43 14.22 -18.21
C ALA B 144 17.41 15.23 -17.65
N TYR B 145 17.02 16.51 -17.58
CA TYR B 145 17.95 17.47 -17.00
C TYR B 145 18.14 17.27 -15.50
N LEU B 146 17.07 16.92 -14.78
CA LEU B 146 17.25 16.56 -13.36
C LEU B 146 18.29 15.44 -13.21
N LEU B 147 18.23 14.43 -14.09
CA LEU B 147 19.20 13.34 -14.00
C LEU B 147 20.61 13.86 -14.26
N GLN B 148 20.79 14.75 -15.24
CA GLN B 148 22.11 15.29 -15.48
C GLN B 148 22.63 15.97 -14.24
N ARG B 149 21.79 16.78 -13.59
CA ARG B 149 22.23 17.51 -12.38
C ARG B 149 22.62 16.55 -11.26
N MET B 150 21.86 15.45 -11.11
CA MET B 150 22.19 14.50 -10.06
C MET B 150 23.52 13.81 -10.36
N GLU B 151 23.69 13.40 -11.62
CA GLU B 151 24.94 12.75 -12.02
C GLU B 151 26.12 13.68 -11.74
N GLU B 152 25.96 14.97 -12.05
N GLU B 152 25.97 14.97 -12.08
CA GLU B 152 27.05 15.93 -11.92
CA GLU B 152 27.07 15.90 -11.92
C GLU B 152 27.35 16.22 -10.47
C GLU B 152 27.36 16.14 -10.45
N PHE B 153 26.31 16.28 -9.63
CA PHE B 153 26.54 16.48 -8.20
C PHE B 153 27.30 15.31 -7.60
N ILE B 154 26.81 14.10 -7.82
CA ILE B 154 27.42 12.92 -7.22
C ILE B 154 28.83 12.76 -7.75
N GLY B 155 28.98 12.94 -9.05
CA GLY B 155 30.26 12.72 -9.69
C GLY B 155 31.29 13.78 -9.40
N THR B 156 30.94 14.86 -8.70
CA THR B 156 31.96 15.82 -8.29
C THR B 156 32.11 15.97 -6.77
N VAL B 157 31.52 15.08 -5.97
CA VAL B 157 31.81 15.07 -4.54
C VAL B 157 33.24 14.61 -4.32
N ARG B 158 34.03 15.40 -3.58
CA ARG B 158 35.45 15.15 -3.43
C ARG B 158 35.74 14.52 -2.07
N GLY B 159 36.89 13.88 -1.97
CA GLY B 159 37.23 13.61 -0.58
C GLY B 159 36.79 12.27 -0.03
N LYS B 160 37.68 11.72 0.78
CA LYS B 160 37.71 10.27 0.95
C LYS B 160 36.62 9.75 1.86
N ALA B 161 36.07 10.55 2.79
CA ALA B 161 35.10 9.95 3.72
C ALA B 161 33.87 9.47 2.97
N MET B 162 33.49 10.16 1.88
CA MET B 162 32.26 9.81 1.12
C MET B 162 32.54 8.94 -0.10
N LYS B 163 33.81 8.70 -0.44
CA LYS B 163 34.19 8.12 -1.73
C LYS B 163 33.50 6.79 -2.06
N LYS B 164 33.42 5.87 -1.10
CA LYS B 164 32.81 4.58 -1.42
C LYS B 164 31.36 4.76 -1.87
N TRP B 165 30.63 5.66 -1.22
CA TRP B 165 29.22 5.80 -1.53
C TRP B 165 29.03 6.63 -2.79
N VAL B 166 29.89 7.63 -3.02
CA VAL B 166 29.87 8.37 -4.28
C VAL B 166 30.10 7.44 -5.47
N GLU B 167 31.13 6.59 -5.38
CA GLU B 167 31.38 5.71 -6.50
C GLU B 167 30.26 4.70 -6.70
N SER B 168 29.66 4.24 -5.59
CA SER B 168 28.55 3.29 -5.68
C SER B 168 27.33 3.95 -6.28
N ILE B 169 26.97 5.17 -5.81
CA ILE B 169 25.77 5.81 -6.33
C ILE B 169 25.94 6.14 -7.81
N THR B 170 27.15 6.55 -8.23
CA THR B 170 27.39 6.74 -9.66
C THR B 170 27.04 5.48 -10.44
N LYS B 171 27.46 4.30 -9.94
CA LYS B 171 27.18 3.06 -10.67
C LYS B 171 25.70 2.71 -10.64
N ILE B 172 25.04 2.94 -9.49
CA ILE B 172 23.61 2.66 -9.39
C ILE B 172 22.84 3.49 -10.41
N ILE B 173 23.19 4.77 -10.53
CA ILE B 173 22.50 5.60 -11.52
C ILE B 173 22.68 5.03 -12.91
N GLN B 174 23.92 4.69 -13.28
CA GLN B 174 24.13 4.20 -14.63
C GLN B 174 23.36 2.91 -14.86
N ARG B 175 23.28 2.04 -13.85
CA ARG B 175 22.43 0.83 -14.00
C ARG B 175 20.96 1.15 -14.15
N LYS B 176 20.42 2.07 -13.34
CA LYS B 176 19.00 2.41 -13.44
C LYS B 176 18.66 2.98 -14.80
N LYS B 177 19.64 3.58 -15.48
CA LYS B 177 19.33 4.22 -16.78
C LYS B 177 19.04 3.17 -17.85
N ILE B 178 19.68 2.01 -17.79
CA ILE B 178 19.52 1.01 -18.83
C ILE B 178 18.62 -0.15 -18.39
N ALA B 179 17.93 -0.01 -17.26
CA ALA B 179 17.12 -1.10 -16.74
C ALA B 179 15.71 -1.02 -17.32
N ASN B 187 14.69 -12.53 -10.41
CA ASN B 187 15.19 -13.86 -10.10
C ASN B 187 14.80 -14.29 -8.67
N ILE B 188 13.98 -15.35 -8.52
CA ILE B 188 13.34 -15.67 -7.23
C ILE B 188 13.79 -17.07 -6.79
N THR B 189 14.11 -17.23 -5.49
CA THR B 189 14.41 -18.55 -4.91
C THR B 189 13.43 -18.93 -3.79
N PHE B 190 12.98 -20.19 -3.72
CA PHE B 190 11.98 -20.61 -2.74
C PHE B 190 12.44 -21.69 -1.74
N GLN B 191 11.73 -21.74 -0.60
CA GLN B 191 11.91 -22.84 0.34
C GLN B 191 11.54 -24.21 -0.27
N SER B 192 10.54 -24.27 -1.16
CA SER B 192 10.06 -25.56 -1.68
C SER B 192 9.86 -25.49 -3.19
N SER B 193 9.44 -26.62 -3.78
CA SER B 193 9.00 -26.66 -5.17
C SER B 193 7.51 -26.30 -5.25
N PRO B 194 7.09 -25.60 -6.30
CA PRO B 194 5.65 -25.31 -6.46
C PRO B 194 4.92 -26.60 -6.75
N PRO B 195 3.62 -26.64 -6.47
CA PRO B 195 2.84 -27.87 -6.72
C PRO B 195 2.67 -28.10 -8.21
N THR B 196 2.34 -29.36 -8.55
CA THR B 196 2.10 -29.73 -9.92
C THR B 196 0.86 -29.02 -10.50
N VAL B 197 0.97 -28.55 -11.75
CA VAL B 197 -0.16 -27.91 -12.42
C VAL B 197 -1.27 -28.95 -12.61
N GLU B 198 -2.50 -28.55 -12.34
CA GLU B 198 -3.64 -29.48 -12.40
C GLU B 198 -4.47 -29.28 -13.66
N TRP B 199 -4.90 -30.39 -14.26
CA TRP B 199 -5.67 -30.37 -15.49
C TRP B 199 -6.96 -31.16 -15.30
N HIS B 200 -8.01 -30.76 -16.03
CA HIS B 200 -9.32 -31.40 -15.96
C HIS B 200 -9.75 -31.83 -17.37
N ILE B 201 -10.80 -31.24 -17.94
CA ILE B 201 -11.25 -31.65 -19.28
C ILE B 201 -10.30 -31.11 -20.35
N SER B 202 -10.01 -29.81 -20.31
CA SER B 202 -9.03 -29.23 -21.24
C SER B 202 -7.65 -29.81 -20.93
N ARG B 203 -6.93 -30.23 -21.97
CA ARG B 203 -5.60 -30.79 -21.77
C ARG B 203 -4.52 -29.79 -22.21
N PRO B 204 -3.27 -29.96 -21.75
CA PRO B 204 -2.21 -29.01 -22.08
C PRO B 204 -2.13 -28.77 -23.58
N GLY B 205 -2.02 -27.50 -23.96
CA GLY B 205 -1.90 -27.14 -25.37
C GLY B 205 -3.21 -26.95 -26.11
N HIS B 206 -4.35 -27.28 -25.49
CA HIS B 206 -5.63 -27.18 -26.18
C HIS B 206 -6.40 -25.95 -25.76
N ILE B 207 -5.82 -24.79 -26.02
CA ILE B 207 -6.35 -23.53 -25.53
C ILE B 207 -7.73 -23.25 -26.09
N GLU B 208 -8.07 -23.81 -27.24
CA GLU B 208 -9.38 -23.57 -27.82
C GLU B 208 -10.52 -24.19 -27.01
N THR B 209 -10.21 -25.13 -26.12
CA THR B 209 -11.26 -25.71 -25.29
C THR B 209 -11.33 -25.07 -23.92
N PHE B 210 -10.38 -24.22 -23.56
CA PHE B 210 -10.35 -23.61 -22.24
C PHE B 210 -11.64 -22.83 -21.95
N ASP B 211 -12.20 -23.03 -20.76
CA ASP B 211 -13.42 -22.35 -20.34
C ASP B 211 -13.58 -22.58 -18.83
N LEU B 212 -14.60 -21.96 -18.26
CA LEU B 212 -14.81 -22.02 -16.81
C LEU B 212 -14.91 -23.44 -16.29
N LEU B 213 -15.66 -24.29 -17.00
CA LEU B 213 -15.86 -25.63 -16.48
C LEU B 213 -14.86 -26.67 -16.98
N THR B 214 -14.07 -26.35 -18.01
CA THR B 214 -13.13 -27.32 -18.58
C THR B 214 -11.71 -27.21 -18.02
N LEU B 215 -11.27 -26.01 -17.64
CA LEU B 215 -10.03 -25.88 -16.86
C LEU B 215 -10.27 -26.41 -15.45
N HIS B 216 -9.23 -26.89 -14.79
CA HIS B 216 -9.40 -27.37 -13.42
C HIS B 216 -9.66 -26.18 -12.50
N PRO B 217 -10.66 -26.24 -11.60
CA PRO B 217 -10.91 -25.08 -10.74
C PRO B 217 -9.74 -24.71 -9.86
N ILE B 218 -8.92 -25.69 -9.42
CA ILE B 218 -7.74 -25.32 -8.66
C ILE B 218 -6.83 -24.45 -9.50
N GLU B 219 -6.63 -24.84 -10.75
CA GLU B 219 -5.66 -24.17 -11.59
C GLU B 219 -6.18 -22.84 -12.09
N ILE B 220 -7.51 -22.71 -12.32
CA ILE B 220 -8.08 -21.38 -12.56
C ILE B 220 -7.70 -20.44 -11.42
N ALA B 221 -7.95 -20.89 -10.18
CA ALA B 221 -7.65 -20.01 -9.06
C ALA B 221 -6.15 -19.71 -8.97
N ARG B 222 -5.27 -20.72 -9.17
CA ARG B 222 -3.83 -20.44 -9.08
C ARG B 222 -3.38 -19.47 -10.15
N GLN B 223 -3.80 -19.69 -11.40
CA GLN B 223 -3.30 -18.83 -12.46
C GLN B 223 -3.87 -17.43 -12.36
N LEU B 224 -5.14 -17.30 -11.93
CA LEU B 224 -5.67 -15.94 -11.69
C LEU B 224 -4.93 -15.29 -10.52
N THR B 225 -4.54 -16.08 -9.51
CA THR B 225 -3.81 -15.50 -8.38
C THR B 225 -2.42 -15.01 -8.83
N LEU B 226 -1.73 -15.79 -9.67
CA LEU B 226 -0.45 -15.31 -10.19
C LEU B 226 -0.62 -14.03 -11.00
N LEU B 227 -1.63 -14.00 -11.88
CA LEU B 227 -1.88 -12.79 -12.66
C LEU B 227 -2.20 -11.61 -11.76
N GLU B 228 -3.10 -11.81 -10.78
CA GLU B 228 -3.55 -10.69 -9.95
C GLU B 228 -2.45 -10.25 -9.00
N SER B 229 -1.62 -11.20 -8.55
CA SER B 229 -0.46 -10.84 -7.74
C SER B 229 0.52 -9.98 -8.54
N ASP B 230 0.81 -10.39 -9.80
CA ASP B 230 1.70 -9.56 -10.63
C ASP B 230 1.09 -8.16 -10.85
N LEU B 231 -0.22 -8.11 -11.10
CA LEU B 231 -0.85 -6.78 -11.32
C LEU B 231 -0.76 -5.94 -10.05
N TYR B 232 -0.98 -6.57 -8.88
CA TYR B 232 -0.87 -5.84 -7.60
C TYR B 232 0.56 -5.31 -7.38
N ARG B 233 1.55 -6.17 -7.63
CA ARG B 233 2.95 -5.86 -7.37
C ARG B 233 3.47 -4.77 -8.31
N ALA B 234 2.80 -4.55 -9.46
CA ALA B 234 3.33 -3.57 -10.42
C ALA B 234 2.95 -2.13 -10.11
N VAL B 235 2.05 -1.92 -9.14
CA VAL B 235 1.54 -0.56 -8.90
C VAL B 235 2.56 0.20 -8.05
N GLN B 236 3.06 1.33 -8.56
CA GLN B 236 4.05 2.12 -7.80
C GLN B 236 3.38 3.30 -7.12
N PRO B 237 4.02 3.86 -6.08
CA PRO B 237 3.39 4.98 -5.37
C PRO B 237 3.17 6.21 -6.25
N SER B 238 3.96 6.39 -7.30
CA SER B 238 3.75 7.51 -8.20
C SER B 238 2.36 7.47 -8.85
N GLU B 239 1.73 6.30 -8.87
N GLU B 239 1.73 6.30 -8.89
CA GLU B 239 0.38 6.18 -9.43
CA GLU B 239 0.38 6.23 -9.47
C GLU B 239 -0.71 6.60 -8.45
C GLU B 239 -0.70 6.59 -8.47
N LEU B 240 -0.32 6.85 -7.20
CA LEU B 240 -1.28 7.02 -6.10
C LEU B 240 -1.19 8.39 -5.46
N VAL B 241 0.01 8.92 -5.25
CA VAL B 241 0.07 10.20 -4.55
C VAL B 241 -0.55 11.30 -5.42
N GLY B 242 -1.16 12.28 -4.75
CA GLY B 242 -1.83 13.31 -5.52
C GLY B 242 -3.19 12.90 -6.04
N SER B 243 -3.66 11.74 -5.66
CA SER B 243 -4.92 11.16 -6.15
C SER B 243 -5.01 11.15 -7.67
N VAL B 244 -3.87 10.90 -8.33
CA VAL B 244 -3.80 11.08 -9.76
C VAL B 244 -4.58 10.04 -10.53
N TRP B 245 -4.92 8.88 -9.95
CA TRP B 245 -5.71 7.90 -10.69
C TRP B 245 -7.18 8.31 -10.83
N THR B 246 -7.58 9.41 -10.17
CA THR B 246 -8.95 9.93 -10.29
C THR B 246 -9.04 11.12 -11.20
N LYS B 247 -7.88 11.64 -11.67
CA LYS B 247 -7.85 12.92 -12.39
C LYS B 247 -7.86 12.70 -13.91
N GLU B 248 -7.93 13.82 -14.65
CA GLU B 248 -8.12 13.71 -16.10
C GLU B 248 -6.99 12.98 -16.79
N ASP B 249 -5.76 13.05 -16.27
CA ASP B 249 -4.63 12.34 -16.87
C ASP B 249 -4.40 10.97 -16.25
N LYS B 250 -5.42 10.35 -15.65
CA LYS B 250 -5.21 9.07 -14.97
C LYS B 250 -4.60 7.99 -15.87
N GLU B 251 -4.92 7.97 -17.18
CA GLU B 251 -4.36 6.89 -18.00
C GLU B 251 -2.87 7.06 -18.18
N ILE B 252 -2.37 8.31 -18.12
CA ILE B 252 -0.94 8.56 -18.23
C ILE B 252 -0.24 8.28 -16.91
N ASN B 253 -0.87 8.71 -15.81
CA ASN B 253 -0.16 8.67 -14.53
C ASN B 253 -0.38 7.40 -13.74
N SER B 254 -1.48 6.66 -13.97
CA SER B 254 -1.75 5.45 -13.16
C SER B 254 -2.04 4.20 -14.01
N PRO B 255 -1.21 3.93 -15.03
CA PRO B 255 -1.58 2.84 -15.97
C PRO B 255 -1.56 1.45 -15.31
N ASN B 256 -0.62 1.15 -14.42
CA ASN B 256 -0.62 -0.19 -13.83
C ASN B 256 -1.79 -0.37 -12.88
N LEU B 257 -2.11 0.65 -12.10
CA LEU B 257 -3.29 0.56 -11.25
C LEU B 257 -4.54 0.33 -12.11
N LEU B 258 -4.71 1.10 -13.17
CA LEU B 258 -5.93 0.93 -13.96
C LEU B 258 -5.96 -0.42 -14.67
N LYS B 259 -4.80 -0.95 -15.09
CA LYS B 259 -4.78 -2.30 -15.67
C LYS B 259 -5.22 -3.33 -14.66
N MET B 260 -4.78 -3.13 -13.41
CA MET B 260 -5.16 -4.06 -12.34
C MET B 260 -6.65 -4.01 -12.12
N ILE B 261 -7.23 -2.80 -12.04
CA ILE B 261 -8.67 -2.69 -11.75
C ILE B 261 -9.49 -3.22 -12.91
N ARG B 262 -9.03 -2.97 -14.13
CA ARG B 262 -9.79 -3.43 -15.29
C ARG B 262 -9.77 -4.94 -15.38
N HIS B 263 -8.68 -5.57 -14.94
CA HIS B 263 -8.70 -7.04 -14.89
C HIS B 263 -9.75 -7.52 -13.91
N THR B 264 -9.78 -6.92 -12.72
CA THR B 264 -10.77 -7.31 -11.69
C THR B 264 -12.18 -7.16 -12.24
N THR B 265 -12.43 -6.02 -12.87
CA THR B 265 -13.78 -5.76 -13.43
C THR B 265 -14.14 -6.79 -14.47
N ASN B 266 -13.21 -7.07 -15.37
CA ASN B 266 -13.46 -8.07 -16.42
C ASN B 266 -13.74 -9.45 -15.83
N LEU B 267 -13.01 -9.85 -14.78
CA LEU B 267 -13.28 -11.19 -14.24
C LEU B 267 -14.65 -11.23 -13.58
N THR B 268 -15.02 -10.19 -12.85
CA THR B 268 -16.35 -10.17 -12.22
C THR B 268 -17.42 -10.28 -13.31
N LEU B 269 -17.27 -9.50 -14.39
CA LEU B 269 -18.27 -9.56 -15.47
C LEU B 269 -18.25 -10.90 -16.18
N TRP B 270 -17.09 -11.54 -16.30
CA TRP B 270 -17.04 -12.86 -16.92
C TRP B 270 -17.78 -13.88 -16.08
N PHE B 271 -17.61 -13.83 -14.74
CA PHE B 271 -18.36 -14.76 -13.89
C PHE B 271 -19.85 -14.53 -14.09
N GLU B 272 -20.31 -13.28 -14.08
CA GLU B 272 -21.75 -13.01 -14.30
C GLU B 272 -22.20 -13.52 -15.66
N LYS B 273 -21.41 -13.28 -16.71
CA LYS B 273 -21.76 -13.74 -18.06
C LYS B 273 -21.82 -15.27 -18.13
N CYS B 274 -20.85 -15.97 -17.53
CA CYS B 274 -20.94 -17.44 -17.54
C CYS B 274 -22.23 -17.91 -16.89
N ILE B 275 -22.64 -17.25 -15.79
CA ILE B 275 -23.86 -17.67 -15.09
C ILE B 275 -25.10 -17.40 -15.94
N VAL B 276 -25.31 -16.16 -16.37
CA VAL B 276 -26.61 -15.86 -17.00
C VAL B 276 -26.69 -16.36 -18.45
N GLU B 277 -25.55 -16.65 -19.11
CA GLU B 277 -25.64 -17.24 -20.46
C GLU B 277 -25.78 -18.75 -20.43
N THR B 278 -25.75 -19.36 -19.25
CA THR B 278 -26.07 -20.78 -19.08
C THR B 278 -27.57 -20.83 -18.77
N GLU B 279 -28.39 -21.04 -19.83
CA GLU B 279 -29.84 -20.93 -19.66
C GLU B 279 -30.48 -22.13 -19.00
N ASN B 280 -29.91 -23.31 -19.17
CA ASN B 280 -30.41 -24.50 -18.51
C ASN B 280 -30.12 -24.44 -17.00
N LEU B 281 -31.17 -24.69 -16.20
CA LEU B 281 -31.05 -24.49 -14.75
C LEU B 281 -29.99 -25.41 -14.14
N GLU B 282 -30.05 -26.72 -14.46
CA GLU B 282 -29.07 -27.67 -13.91
C GLU B 282 -27.63 -27.29 -14.29
N GLU B 283 -27.41 -26.87 -15.54
CA GLU B 283 -26.06 -26.44 -15.92
C GLU B 283 -25.65 -25.17 -15.19
N ARG B 284 -26.59 -24.24 -15.00
CA ARG B 284 -26.24 -22.98 -14.35
C ARG B 284 -25.89 -23.19 -12.89
N VAL B 285 -26.58 -24.15 -12.24
CA VAL B 285 -26.18 -24.53 -10.89
C VAL B 285 -24.75 -25.06 -10.87
N ALA B 286 -24.38 -25.86 -11.86
CA ALA B 286 -23.00 -26.37 -11.91
C ALA B 286 -22.00 -25.22 -12.09
N VAL B 287 -22.39 -24.23 -12.90
CA VAL B 287 -21.53 -23.04 -13.09
C VAL B 287 -21.35 -22.30 -11.78
N VAL B 288 -22.45 -22.01 -11.08
CA VAL B 288 -22.34 -21.27 -9.82
C VAL B 288 -21.51 -22.05 -8.82
N SER B 289 -21.79 -23.35 -8.73
N SER B 289 -21.78 -23.37 -8.71
CA SER B 289 -21.04 -24.22 -7.83
CA SER B 289 -21.00 -24.17 -7.78
C SER B 289 -19.54 -24.16 -8.11
C SER B 289 -19.51 -24.15 -8.11
N ARG B 290 -19.16 -24.16 -9.40
CA ARG B 290 -17.75 -24.12 -9.76
C ARG B 290 -17.12 -22.78 -9.37
N ILE B 291 -17.88 -21.71 -9.53
CA ILE B 291 -17.35 -20.37 -9.15
C ILE B 291 -17.13 -20.30 -7.65
N ILE B 292 -18.02 -20.91 -6.85
CA ILE B 292 -17.79 -20.92 -5.41
C ILE B 292 -16.62 -21.82 -5.02
N GLU B 293 -16.35 -22.90 -5.79
CA GLU B 293 -15.12 -23.68 -5.57
C GLU B 293 -13.89 -22.83 -5.87
N ILE B 294 -13.92 -22.05 -6.95
CA ILE B 294 -12.78 -21.16 -7.23
C ILE B 294 -12.58 -20.17 -6.08
N LEU B 295 -13.69 -19.61 -5.57
N LEU B 295 -13.69 -19.62 -5.57
CA LEU B 295 -13.61 -18.73 -4.40
CA LEU B 295 -13.65 -18.75 -4.41
C LEU B 295 -12.94 -19.41 -3.22
C LEU B 295 -12.94 -19.42 -3.24
N GLN B 296 -13.30 -20.68 -2.94
CA GLN B 296 -12.64 -21.39 -1.86
C GLN B 296 -11.13 -21.45 -2.05
N VAL B 297 -10.66 -21.69 -3.29
CA VAL B 297 -9.20 -21.76 -3.47
C VAL B 297 -8.58 -20.35 -3.38
N PHE B 298 -9.31 -19.31 -3.82
CA PHE B 298 -8.80 -17.95 -3.59
C PHE B 298 -8.64 -17.68 -2.12
N GLN B 299 -9.60 -18.13 -1.29
CA GLN B 299 -9.41 -17.96 0.16
C GLN B 299 -8.17 -18.69 0.67
N GLU B 300 -7.96 -19.91 0.20
CA GLU B 300 -6.81 -20.70 0.64
C GLU B 300 -5.51 -20.03 0.24
N LEU B 301 -5.51 -19.33 -0.89
CA LEU B 301 -4.30 -18.65 -1.38
C LEU B 301 -4.16 -17.23 -0.85
N ASN B 302 -5.08 -16.76 0.01
CA ASN B 302 -5.04 -15.35 0.48
C ASN B 302 -5.13 -14.39 -0.69
N ASN B 303 -5.85 -14.79 -1.75
CA ASN B 303 -6.06 -13.82 -2.84
C ASN B 303 -7.34 -13.10 -2.57
N PHE B 304 -7.26 -11.98 -1.85
CA PHE B 304 -8.49 -11.28 -1.47
C PHE B 304 -9.07 -10.51 -2.61
N ASN B 305 -8.24 -10.05 -3.56
CA ASN B 305 -8.81 -9.47 -4.78
C ASN B 305 -9.73 -10.49 -5.46
N GLY B 306 -9.24 -11.73 -5.59
CA GLY B 306 -10.05 -12.79 -6.18
C GLY B 306 -11.32 -13.06 -5.40
N VAL B 307 -11.21 -13.12 -4.06
CA VAL B 307 -12.40 -13.30 -3.23
C VAL B 307 -13.44 -12.26 -3.57
N LEU B 308 -13.04 -10.99 -3.59
CA LEU B 308 -14.03 -9.94 -3.77
C LEU B 308 -14.55 -9.94 -5.22
N GLU B 309 -13.74 -10.39 -6.20
CA GLU B 309 -14.24 -10.50 -7.60
C GLU B 309 -15.41 -11.46 -7.66
N VAL B 310 -15.31 -12.58 -6.94
CA VAL B 310 -16.41 -13.53 -6.92
C VAL B 310 -17.60 -12.98 -6.15
N VAL B 311 -17.33 -12.43 -4.94
CA VAL B 311 -18.44 -11.86 -4.14
C VAL B 311 -19.19 -10.80 -4.94
N SER B 312 -18.45 -9.92 -5.66
CA SER B 312 -19.08 -8.85 -6.43
C SER B 312 -19.97 -9.44 -7.52
N ALA B 313 -19.54 -10.58 -8.13
CA ALA B 313 -20.40 -11.17 -9.18
C ALA B 313 -21.66 -11.79 -8.56
N MET B 314 -21.49 -12.50 -7.43
CA MET B 314 -22.65 -13.17 -6.82
C MET B 314 -23.65 -12.18 -6.23
N ASN B 315 -23.21 -10.96 -5.89
CA ASN B 315 -24.13 -9.96 -5.35
C ASN B 315 -24.61 -9.00 -6.41
N SER B 316 -24.22 -9.20 -7.67
CA SER B 316 -24.65 -8.30 -8.74
C SER B 316 -26.14 -8.49 -9.03
N SER B 317 -26.77 -7.44 -9.57
CA SER B 317 -28.19 -7.52 -9.90
C SER B 317 -28.55 -8.71 -10.77
N PRO B 318 -27.82 -9.05 -11.84
CA PRO B 318 -28.27 -10.19 -12.66
C PRO B 318 -28.20 -11.52 -11.96
N VAL B 319 -27.25 -11.72 -11.05
CA VAL B 319 -27.06 -13.02 -10.43
C VAL B 319 -27.88 -13.14 -9.16
N TYR B 320 -27.93 -12.05 -8.38
CA TYR B 320 -28.54 -12.12 -7.04
C TYR B 320 -29.97 -12.65 -7.10
N ARG B 321 -30.69 -12.24 -8.15
CA ARG B 321 -32.13 -12.51 -8.24
C ARG B 321 -32.46 -13.93 -8.67
N LEU B 322 -31.48 -14.78 -8.94
CA LEU B 322 -31.77 -16.11 -9.52
C LEU B 322 -32.13 -17.11 -8.42
N ASP B 323 -33.34 -16.93 -7.89
CA ASP B 323 -33.78 -17.75 -6.77
C ASP B 323 -33.80 -19.23 -7.10
N HIS B 324 -34.16 -19.63 -8.34
CA HIS B 324 -34.19 -21.07 -8.61
C HIS B 324 -32.80 -21.70 -8.59
N THR B 325 -31.79 -20.94 -8.97
CA THR B 325 -30.42 -21.42 -8.92
C THR B 325 -29.94 -21.46 -7.48
N PHE B 326 -30.24 -20.39 -6.72
CA PHE B 326 -29.94 -20.31 -5.30
C PHE B 326 -30.44 -21.53 -4.55
N GLU B 327 -31.68 -21.95 -4.85
N GLU B 327 -31.68 -21.96 -4.87
CA GLU B 327 -32.27 -23.06 -4.11
CA GLU B 327 -32.27 -23.06 -4.11
C GLU B 327 -31.51 -24.37 -4.25
C GLU B 327 -31.46 -24.34 -4.22
N GLN B 328 -30.75 -24.57 -5.33
CA GLN B 328 -30.05 -25.82 -5.51
C GLN B 328 -28.60 -25.78 -5.08
N ILE B 329 -28.07 -24.64 -4.65
CA ILE B 329 -26.67 -24.62 -4.22
C ILE B 329 -26.57 -25.24 -2.83
N PRO B 330 -25.65 -26.19 -2.62
CA PRO B 330 -25.52 -26.89 -1.33
C PRO B 330 -25.26 -25.89 -0.21
N SER B 331 -25.81 -26.22 0.97
N SER B 331 -25.70 -26.27 0.99
N SER B 331 -25.83 -26.15 0.96
CA SER B 331 -25.68 -25.34 2.13
CA SER B 331 -25.48 -25.41 2.16
CA SER B 331 -25.56 -25.25 2.09
C SER B 331 -24.22 -25.02 2.44
C SER B 331 -24.00 -25.13 2.39
C SER B 331 -24.05 -25.22 2.35
N ARG B 332 -23.32 -25.99 2.23
N ARG B 332 -23.12 -26.14 2.21
CA ARG B 332 -21.92 -25.75 2.56
CA ARG B 332 -21.72 -25.89 2.49
C ARG B 332 -21.33 -24.66 1.67
C ARG B 332 -21.11 -24.87 1.54
N GLN B 333 -21.74 -24.64 0.38
CA GLN B 333 -21.23 -23.63 -0.54
C GLN B 333 -21.83 -22.28 -0.22
N LYS B 334 -23.11 -22.29 0.21
CA LYS B 334 -23.67 -21.01 0.68
C LYS B 334 -22.86 -20.50 1.85
N LYS B 335 -22.39 -21.42 2.71
CA LYS B 335 -21.60 -20.98 3.87
C LYS B 335 -20.26 -20.38 3.45
N ILE B 336 -19.59 -20.97 2.45
CA ILE B 336 -18.37 -20.38 1.92
C ILE B 336 -18.61 -18.98 1.38
N LEU B 337 -19.69 -18.81 0.62
CA LEU B 337 -19.95 -17.49 0.05
C LEU B 337 -20.30 -16.50 1.16
N GLU B 338 -21.06 -16.94 2.16
CA GLU B 338 -21.42 -16.06 3.28
C GLU B 338 -20.17 -15.58 4.01
N GLU B 339 -19.25 -16.50 4.31
N GLU B 339 -19.28 -16.53 4.34
CA GLU B 339 -18.05 -16.08 5.03
CA GLU B 339 -18.01 -16.16 5.00
C GLU B 339 -17.15 -15.16 4.20
C GLU B 339 -17.25 -15.12 4.19
N ALA B 340 -17.15 -15.33 2.86
CA ALA B 340 -16.43 -14.36 2.01
C ALA B 340 -17.13 -13.00 2.02
N HIS B 341 -18.47 -12.98 1.91
CA HIS B 341 -19.14 -11.68 1.96
C HIS B 341 -18.96 -11.01 3.32
N GLU B 342 -18.88 -11.81 4.40
CA GLU B 342 -18.71 -11.24 5.74
C GLU B 342 -17.41 -10.46 5.86
N LEU B 343 -16.40 -10.77 5.04
CA LEU B 343 -15.18 -9.95 5.07
C LEU B 343 -15.47 -8.48 4.75
N SER B 344 -16.49 -8.22 3.91
CA SER B 344 -16.77 -6.88 3.41
C SER B 344 -17.69 -6.09 4.31
N GLU B 345 -18.39 -6.78 5.22
CA GLU B 345 -19.39 -6.13 6.06
C GLU B 345 -18.75 -5.16 7.04
N ASP B 346 -19.55 -4.21 7.52
N ASP B 346 -19.56 -4.23 7.54
CA ASP B 346 -19.08 -3.22 8.49
CA ASP B 346 -19.10 -3.19 8.46
C ASP B 346 -17.80 -2.54 8.00
C ASP B 346 -17.80 -2.54 7.99
N HIS B 347 -17.82 -2.07 6.76
CA HIS B 347 -16.71 -1.30 6.20
C HIS B 347 -15.42 -2.13 6.24
N TYR B 348 -15.55 -3.39 5.80
CA TYR B 348 -14.44 -4.33 5.66
C TYR B 348 -13.77 -4.66 6.98
N LYS B 349 -14.50 -4.59 8.10
CA LYS B 349 -13.86 -4.88 9.40
C LYS B 349 -13.16 -6.25 9.41
N LYS B 350 -13.85 -7.32 8.96
CA LYS B 350 -13.19 -8.63 9.09
C LYS B 350 -12.11 -8.82 8.04
N TYR B 351 -12.29 -8.19 6.87
CA TYR B 351 -11.21 -8.25 5.87
C TYR B 351 -9.94 -7.63 6.43
N LEU B 352 -10.07 -6.44 7.02
CA LEU B 352 -8.86 -5.76 7.51
C LEU B 352 -8.13 -6.59 8.55
N ALA B 353 -8.89 -7.22 9.45
CA ALA B 353 -8.29 -8.07 10.47
C ALA B 353 -7.66 -9.32 9.87
N LYS B 354 -8.31 -9.90 8.84
CA LYS B 354 -7.77 -11.12 8.22
C LYS B 354 -6.48 -10.79 7.47
N LEU B 355 -6.48 -9.68 6.71
CA LEU B 355 -5.25 -9.29 6.00
C LEU B 355 -4.07 -9.17 6.94
N ARG B 356 -4.31 -8.62 8.13
CA ARG B 356 -3.26 -8.38 9.10
C ARG B 356 -2.91 -9.61 9.88
N SER B 357 -3.66 -10.71 9.67
CA SER B 357 -3.35 -11.92 10.45
C SER B 357 -2.73 -13.02 9.62
N ILE B 358 -2.87 -12.98 8.29
CA ILE B 358 -2.41 -14.12 7.49
C ILE B 358 -0.89 -14.11 7.31
N ASN B 359 -0.37 -15.23 6.79
CA ASN B 359 1.03 -15.32 6.42
C ASN B 359 1.13 -15.08 4.92
N PRO B 360 1.74 -14.00 4.47
CA PRO B 360 1.87 -13.76 3.03
C PRO B 360 2.60 -14.90 2.36
N PRO B 361 2.49 -15.03 1.04
CA PRO B 361 1.97 -14.03 0.09
C PRO B 361 0.46 -13.91 0.11
N CYS B 362 0.01 -12.72 -0.28
CA CYS B 362 -1.43 -12.50 -0.41
C CYS B 362 -1.63 -11.52 -1.57
N VAL B 363 -2.87 -11.33 -1.99
CA VAL B 363 -3.21 -10.27 -2.92
C VAL B 363 -4.27 -9.40 -2.26
N PRO B 364 -3.88 -8.23 -1.73
CA PRO B 364 -4.86 -7.35 -1.11
C PRO B 364 -5.90 -6.87 -2.09
N PHE B 365 -7.06 -6.46 -1.54
CA PHE B 365 -8.02 -5.68 -2.33
C PHE B 365 -7.57 -4.20 -2.35
N PHE B 366 -7.34 -3.65 -3.53
CA PHE B 366 -6.70 -2.33 -3.59
C PHE B 366 -7.69 -1.21 -3.28
N GLY B 367 -8.98 -1.44 -3.49
CA GLY B 367 -9.91 -0.31 -3.46
C GLY B 367 -9.92 0.42 -2.13
N ILE B 368 -9.75 -0.32 -1.02
CA ILE B 368 -9.74 0.33 0.29
C ILE B 368 -8.59 1.30 0.39
N TYR B 369 -7.42 0.90 -0.10
CA TYR B 369 -6.28 1.82 -0.07
C TYR B 369 -6.56 3.07 -0.87
N LEU B 370 -7.20 2.91 -2.03
CA LEU B 370 -7.48 4.07 -2.87
C LEU B 370 -8.40 5.06 -2.14
N THR B 371 -9.48 4.55 -1.55
CA THR B 371 -10.39 5.45 -0.80
C THR B 371 -9.67 6.11 0.36
N ASN B 372 -8.85 5.36 1.08
CA ASN B 372 -8.16 6.00 2.22
C ASN B 372 -7.14 7.02 1.78
N ILE B 373 -6.40 6.79 0.69
CA ILE B 373 -5.49 7.82 0.21
C ILE B 373 -6.26 9.05 -0.23
N LEU B 374 -7.32 8.85 -1.03
N LEU B 374 -7.30 8.85 -1.03
CA LEU B 374 -8.07 10.00 -1.53
CA LEU B 374 -8.07 9.99 -1.53
C LEU B 374 -8.67 10.82 -0.42
C LEU B 374 -8.63 10.83 -0.39
N LYS B 375 -9.25 10.17 0.60
CA LYS B 375 -9.89 10.92 1.69
C LYS B 375 -8.84 11.56 2.58
N THR B 376 -7.68 10.92 2.74
CA THR B 376 -6.63 11.62 3.49
C THR B 376 -6.18 12.88 2.77
N GLU B 377 -6.03 12.81 1.45
N GLU B 377 -6.07 12.83 1.44
CA GLU B 377 -5.66 14.01 0.68
CA GLU B 377 -5.61 14.00 0.71
C GLU B 377 -6.72 15.08 0.79
C GLU B 377 -6.69 15.08 0.62
N GLU B 378 -7.96 14.67 0.60
CA GLU B 378 -9.04 15.63 0.50
C GLU B 378 -9.42 16.24 1.84
N GLY B 379 -9.21 15.53 2.94
CA GLY B 379 -9.73 15.90 4.24
C GLY B 379 -8.74 16.60 5.14
N ASN B 380 -7.53 16.90 4.64
CA ASN B 380 -6.50 17.58 5.43
C ASN B 380 -5.90 18.70 4.59
N PRO B 381 -5.54 19.81 5.23
CA PRO B 381 -5.02 20.93 4.46
C PRO B 381 -3.56 20.74 4.07
N GLU B 382 -3.19 21.36 2.94
CA GLU B 382 -1.80 21.31 2.51
C GLU B 382 -0.88 22.04 3.49
N VAL B 383 -1.35 23.16 4.05
CA VAL B 383 -0.50 23.94 4.95
C VAL B 383 -1.21 24.18 6.28
N LEU B 384 -0.42 24.46 7.32
CA LEU B 384 -0.96 24.96 8.58
C LEU B 384 -0.45 26.39 8.74
N LYS B 385 -1.31 27.30 9.16
CA LYS B 385 -0.92 28.69 9.39
C LYS B 385 -0.64 28.90 10.86
N ARG B 386 0.59 29.35 11.18
CA ARG B 386 1.02 29.49 12.56
C ARG B 386 1.87 30.76 12.62
N HIS B 387 1.51 31.67 13.54
CA HIS B 387 2.33 32.86 13.79
C HIS B 387 2.60 33.62 12.49
N GLY B 388 1.58 33.69 11.62
CA GLY B 388 1.71 34.38 10.34
C GLY B 388 2.44 33.63 9.24
N LYS B 389 2.95 32.43 9.49
CA LYS B 389 3.72 31.68 8.51
C LYS B 389 2.89 30.52 7.99
N GLU B 390 3.16 30.10 6.77
CA GLU B 390 2.56 28.90 6.22
C GLU B 390 3.57 27.79 6.42
N LEU B 391 3.18 26.75 7.12
CA LEU B 391 4.04 25.59 7.28
C LEU B 391 3.46 24.42 6.50
N ILE B 392 4.33 23.64 5.87
CA ILE B 392 3.84 22.42 5.21
C ILE B 392 3.23 21.48 6.23
N ASN B 393 2.00 21.00 5.97
CA ASN B 393 1.36 20.03 6.85
C ASN B 393 1.96 18.66 6.55
N PHE B 394 3.00 18.29 7.29
CA PHE B 394 3.67 17.03 6.98
C PHE B 394 2.93 15.82 7.53
N SER B 395 2.14 15.99 8.59
N SER B 395 2.15 16.00 8.59
N SER B 395 2.13 15.99 8.59
CA SER B 395 1.35 14.90 9.13
CA SER B 395 1.34 14.92 9.15
CA SER B 395 1.37 14.86 9.12
C SER B 395 0.46 14.28 8.07
C SER B 395 0.45 14.29 8.07
C SER B 395 0.42 14.28 8.07
N LYS B 396 -0.10 15.12 7.19
CA LYS B 396 -0.94 14.62 6.11
C LYS B 396 -0.14 13.72 5.17
N ARG B 397 1.06 14.15 4.80
CA ARG B 397 1.91 13.33 3.94
C ARG B 397 2.32 12.04 4.63
N ARG B 398 2.63 12.10 5.93
CA ARG B 398 2.95 10.87 6.66
C ARG B 398 1.81 9.87 6.60
N LYS B 399 0.57 10.35 6.74
CA LYS B 399 -0.58 9.44 6.67
C LYS B 399 -0.68 8.78 5.30
N VAL B 400 -0.47 9.56 4.23
CA VAL B 400 -0.49 8.96 2.89
C VAL B 400 0.61 7.92 2.76
N ALA B 401 1.79 8.22 3.25
CA ALA B 401 2.91 7.28 3.07
C ALA B 401 2.77 6.06 3.99
N GLU B 402 1.97 6.18 5.07
CA GLU B 402 1.69 4.96 5.84
C GLU B 402 0.92 3.99 4.97
N ILE B 403 -0.01 4.51 4.17
CA ILE B 403 -0.81 3.64 3.30
C ILE B 403 0.06 3.10 2.19
N THR B 404 0.83 3.97 1.53
CA THR B 404 1.68 3.42 0.47
C THR B 404 2.71 2.42 1.02
N GLY B 405 3.17 2.62 2.25
CA GLY B 405 4.10 1.66 2.82
C GLY B 405 3.43 0.32 3.09
N GLU B 406 2.14 0.34 3.47
N GLU B 406 2.16 0.34 3.49
CA GLU B 406 1.43 -0.92 3.69
CA GLU B 406 1.46 -0.93 3.68
C GLU B 406 1.22 -1.68 2.39
C GLU B 406 1.33 -1.67 2.35
N ILE B 407 0.88 -0.96 1.31
CA ILE B 407 0.81 -1.55 -0.01
C ILE B 407 2.13 -2.24 -0.36
N GLN B 408 3.25 -1.49 -0.22
N GLN B 408 3.23 -1.48 -0.22
CA GLN B 408 4.53 -2.04 -0.64
CA GLN B 408 4.57 -1.98 -0.55
C GLN B 408 4.92 -3.25 0.21
C GLN B 408 4.89 -3.25 0.21
N GLN B 409 4.52 -3.30 1.50
CA GLN B 409 4.92 -4.43 2.31
C GLN B 409 4.32 -5.73 1.75
N TYR B 410 3.09 -5.66 1.21
CA TYR B 410 2.51 -6.91 0.63
C TYR B 410 2.96 -7.15 -0.81
N GLN B 411 3.73 -6.25 -1.41
CA GLN B 411 4.22 -6.47 -2.77
C GLN B 411 5.51 -7.26 -2.80
N ASN B 412 6.09 -7.54 -1.62
CA ASN B 412 7.42 -8.14 -1.62
C ASN B 412 7.39 -9.66 -1.85
N GLN B 413 6.40 -10.36 -1.29
CA GLN B 413 6.43 -11.83 -1.21
C GLN B 413 5.88 -12.47 -2.47
N PRO B 414 6.63 -13.32 -3.16
CA PRO B 414 6.15 -13.96 -4.38
C PRO B 414 5.43 -15.26 -4.05
N TYR B 415 4.48 -15.63 -4.91
CA TYR B 415 3.79 -16.91 -4.77
C TYR B 415 4.62 -18.06 -5.31
N CYS B 416 4.62 -19.17 -4.57
CA CYS B 416 5.33 -20.38 -4.99
C CYS B 416 4.35 -21.23 -5.80
N LEU B 417 4.03 -20.72 -7.00
CA LEU B 417 3.10 -21.38 -7.94
C LEU B 417 3.70 -21.28 -9.32
N ARG B 418 3.56 -22.35 -10.10
CA ARG B 418 4.10 -22.37 -11.45
C ARG B 418 3.15 -21.73 -12.45
N VAL B 419 3.70 -20.88 -13.34
CA VAL B 419 2.87 -20.28 -14.38
C VAL B 419 2.57 -21.33 -15.43
N GLU B 420 1.34 -21.32 -15.96
CA GLU B 420 0.96 -22.11 -17.12
C GLU B 420 0.70 -21.07 -18.21
N SER B 421 1.58 -21.00 -19.22
N SER B 421 1.59 -20.98 -19.20
CA SER B 421 1.56 -19.83 -20.09
CA SER B 421 1.55 -19.81 -20.08
C SER B 421 0.26 -19.73 -20.91
C SER B 421 0.26 -19.73 -20.90
N ASP B 422 -0.30 -20.87 -21.32
CA ASP B 422 -1.56 -20.84 -22.07
C ASP B 422 -2.73 -20.44 -21.18
N ILE B 423 -2.81 -20.98 -19.95
CA ILE B 423 -3.90 -20.54 -19.06
C ILE B 423 -3.75 -19.07 -18.73
N LYS B 424 -2.52 -18.62 -18.49
N LYS B 424 -2.51 -18.62 -18.48
CA LYS B 424 -2.26 -17.20 -18.25
CA LYS B 424 -2.23 -17.21 -18.26
C LYS B 424 -2.76 -16.35 -19.41
C LYS B 424 -2.76 -16.36 -19.40
N ARG B 425 -2.44 -16.76 -20.65
CA ARG B 425 -2.85 -15.94 -21.81
C ARG B 425 -4.36 -15.94 -21.93
N PHE B 426 -5.00 -17.07 -21.63
CA PHE B 426 -6.45 -17.12 -21.70
C PHE B 426 -7.08 -16.06 -20.80
N PHE B 427 -6.61 -15.96 -19.57
CA PHE B 427 -7.17 -14.97 -18.66
C PHE B 427 -6.70 -13.56 -18.96
N GLU B 428 -5.51 -13.39 -19.52
CA GLU B 428 -5.06 -12.04 -19.92
C GLU B 428 -5.93 -11.51 -21.03
N ASN B 429 -6.39 -12.37 -21.89
CA ASN B 429 -7.13 -11.96 -23.08
C ASN B 429 -8.64 -12.03 -22.88
N LEU B 430 -9.09 -12.42 -21.69
CA LEU B 430 -10.53 -12.48 -21.41
C LEU B 430 -11.18 -11.12 -21.68
N ASN B 431 -12.29 -11.13 -22.40
CA ASN B 431 -12.95 -9.88 -22.81
C ASN B 431 -14.46 -10.06 -22.86
N PRO B 432 -15.10 -10.25 -21.70
CA PRO B 432 -16.54 -10.59 -21.71
C PRO B 432 -17.43 -9.58 -22.42
N MET B 433 -17.08 -8.28 -22.35
CA MET B 433 -17.93 -7.28 -23.01
C MET B 433 -17.75 -7.26 -24.51
N GLY B 434 -16.68 -7.84 -25.07
CA GLY B 434 -16.55 -7.79 -26.52
C GLY B 434 -16.45 -6.34 -26.97
N ASN B 435 -17.15 -6.00 -28.07
CA ASN B 435 -17.14 -4.61 -28.51
C ASN B 435 -18.24 -3.77 -27.90
N SER B 436 -19.01 -4.32 -26.96
CA SER B 436 -20.11 -3.55 -26.37
C SER B 436 -19.63 -2.56 -25.35
N MET B 437 -20.36 -1.46 -25.24
CA MET B 437 -20.12 -0.53 -24.15
C MET B 437 -20.68 -1.08 -22.83
N GLU B 438 -20.18 -0.53 -21.71
CA GLU B 438 -20.53 -1.06 -20.38
C GLU B 438 -22.03 -1.03 -20.14
N LYS B 439 -22.71 0.07 -20.43
CA LYS B 439 -24.15 0.13 -20.13
C LYS B 439 -24.91 -0.89 -20.93
N GLU B 440 -24.68 -0.91 -22.25
N GLU B 440 -24.63 -1.00 -22.23
CA GLU B 440 -25.19 -1.92 -23.17
CA GLU B 440 -25.38 -1.98 -23.04
C GLU B 440 -25.01 -3.33 -22.60
C GLU B 440 -25.03 -3.41 -22.65
N PHE B 441 -23.77 -3.65 -22.22
CA PHE B 441 -23.44 -5.01 -21.77
C PHE B 441 -24.12 -5.33 -20.43
N THR B 442 -24.11 -4.40 -19.48
CA THR B 442 -24.72 -4.79 -18.20
C THR B 442 -26.26 -4.80 -18.32
N ASP B 443 -26.85 -4.02 -19.24
CA ASP B 443 -28.29 -4.23 -19.52
C ASP B 443 -28.52 -5.59 -20.14
N TYR B 444 -27.63 -6.02 -21.05
CA TYR B 444 -27.77 -7.35 -21.62
C TYR B 444 -27.74 -8.43 -20.53
N LEU B 445 -26.80 -8.32 -19.58
CA LEU B 445 -26.73 -9.36 -18.54
C LEU B 445 -28.02 -9.40 -17.71
N PHE B 446 -28.56 -8.22 -17.39
CA PHE B 446 -29.77 -8.16 -16.58
C PHE B 446 -30.97 -8.71 -17.36
N ASN B 447 -31.07 -8.36 -18.64
CA ASN B 447 -32.16 -8.94 -19.43
C ASN B 447 -32.00 -10.44 -19.64
N LYS B 448 -30.75 -10.95 -19.72
N LYS B 448 -30.77 -10.92 -19.68
CA LYS B 448 -30.58 -12.40 -19.75
CA LYS B 448 -30.55 -12.35 -19.75
C LYS B 448 -31.08 -13.03 -18.47
C LYS B 448 -31.03 -13.03 -18.48
N SER B 449 -30.76 -12.42 -17.33
CA SER B 449 -31.27 -12.91 -16.04
C SER B 449 -32.80 -13.01 -16.07
N LEU B 450 -33.45 -11.95 -16.56
CA LEU B 450 -34.92 -11.96 -16.66
C LEU B 450 -35.41 -13.03 -17.60
N GLU B 451 -34.66 -13.33 -18.65
CA GLU B 451 -35.08 -14.37 -19.58
C GLU B 451 -35.02 -15.77 -18.95
N ILE B 452 -33.93 -16.05 -18.22
CA ILE B 452 -33.73 -17.41 -17.75
C ILE B 452 -34.52 -17.69 -16.47
N GLU B 453 -34.87 -16.65 -15.70
CA GLU B 453 -35.72 -16.80 -14.50
C GLU B 453 -36.62 -15.58 -14.45
N PRO B 454 -37.74 -15.62 -15.19
CA PRO B 454 -38.64 -14.46 -15.26
C PRO B 454 -39.20 -14.10 -13.88
N ARG B 455 -39.56 -12.83 -13.74
N ARG B 455 -39.55 -12.82 -13.73
CA ARG B 455 -40.21 -12.35 -12.52
CA ARG B 455 -40.18 -12.35 -12.50
C ARG B 455 -41.54 -13.06 -12.31
C ARG B 455 -41.54 -13.02 -12.30
N ASN B 456 -41.82 -13.39 -11.05
CA ASN B 456 -43.15 -13.93 -10.72
C ASN B 456 -44.21 -12.88 -11.07
N PRO B 457 -45.38 -13.31 -11.57
CA PRO B 457 -45.90 -14.67 -11.68
C PRO B 457 -45.67 -15.36 -13.04
N LYS B 458 -44.77 -14.84 -13.86
CA LYS B 458 -44.46 -15.50 -15.13
C LYS B 458 -43.88 -16.89 -14.86
N PRO B 459 -44.32 -17.89 -15.58
CA PRO B 459 -43.79 -19.25 -15.33
C PRO B 459 -42.31 -19.36 -15.68
N LEU B 460 -41.66 -20.31 -15.03
CA LEU B 460 -40.24 -20.55 -15.27
C LEU B 460 -40.10 -21.43 -16.50
N PRO B 461 -39.46 -20.96 -17.57
CA PRO B 461 -39.28 -21.79 -18.77
C PRO B 461 -38.22 -22.85 -18.53
N ARG B 462 -38.17 -23.79 -19.45
CA ARG B 462 -37.11 -24.79 -19.54
C ARG B 462 -36.22 -24.44 -20.74
N PHE B 463 -34.95 -24.83 -20.68
CA PHE B 463 -33.98 -24.47 -21.72
C PHE B 463 -33.11 -25.69 -21.97
N PRO B 464 -32.62 -25.87 -23.19
CA PRO B 464 -31.75 -27.00 -23.51
C PRO B 464 -30.35 -26.82 -22.92
N LYS B 465 -29.69 -27.97 -22.72
CA LYS B 465 -28.30 -27.99 -22.29
C LYS B 465 -27.42 -27.43 -23.39
N LYS B 466 -26.34 -26.76 -22.98
CA LYS B 466 -25.35 -26.23 -23.91
C LYS B 466 -23.98 -26.90 -23.79
N TYR B 467 -23.72 -27.67 -22.73
CA TYR B 467 -22.39 -28.24 -22.53
C TYR B 467 -22.46 -29.71 -22.88
N SER B 468 -21.51 -30.18 -23.69
CA SER B 468 -21.53 -31.59 -24.05
C SER B 468 -20.62 -32.45 -23.19
N TYR B 469 -19.88 -31.85 -22.28
CA TYR B 469 -18.91 -32.55 -21.46
C TYR B 469 -19.45 -32.67 -20.05
N PRO B 470 -18.84 -33.53 -19.23
CA PRO B 470 -19.37 -33.77 -17.87
C PRO B 470 -19.32 -32.51 -17.02
N LEU B 471 -20.36 -32.29 -16.24
CA LEU B 471 -20.46 -31.12 -15.36
C LEU B 471 -19.90 -31.37 -13.99
N LYS B 472 -19.59 -32.62 -13.64
CA LYS B 472 -19.09 -32.90 -12.28
C LYS B 472 -17.73 -32.25 -12.02
N SER B 473 -17.64 -31.56 -10.92
CA SER B 473 -16.37 -30.92 -10.60
C SER B 473 -15.33 -31.96 -10.17
N PRO B 474 -14.06 -31.74 -10.48
CA PRO B 474 -13.01 -32.61 -9.92
C PRO B 474 -12.67 -32.24 -8.48
N GLY B 475 -13.25 -31.15 -7.96
CA GLY B 475 -13.03 -30.74 -6.58
C GLY B 475 -11.84 -29.83 -6.45
N VAL B 476 -11.62 -29.31 -5.22
CA VAL B 476 -10.55 -28.33 -5.06
C VAL B 476 -9.46 -28.80 -4.09
N ARG B 477 -9.41 -30.09 -3.80
CA ARG B 477 -8.25 -30.61 -3.06
C ARG B 477 -7.21 -31.11 -4.05
N PRO B 478 -5.96 -30.72 -3.91
CA PRO B 478 -4.96 -31.03 -4.93
C PRO B 478 -4.53 -32.48 -4.93
N SER B 479 -4.00 -32.91 -6.09
CA SER B 479 -3.51 -34.27 -6.31
C SER B 479 -1.99 -34.22 -6.38
N ASN B 480 -1.35 -35.35 -6.16
CA ASN B 480 0.12 -35.39 -6.15
C ASN B 480 0.57 -36.76 -6.59
N PRO B 481 0.79 -36.95 -7.89
CA PRO B 481 1.49 -38.16 -8.35
C PRO B 481 2.96 -38.06 -8.00
N ARG B 482 3.66 -39.19 -8.06
CA ARG B 482 5.09 -39.19 -7.79
C ARG B 482 5.81 -38.37 -8.88
N GLY C 1 -32.73 0.29 20.69
CA GLY C 1 -32.23 1.66 20.86
C GLY C 1 -32.56 2.58 19.71
N MET C 2 -31.58 3.37 19.28
CA MET C 2 -31.83 4.36 18.25
C MET C 2 -31.68 3.75 16.87
N THR C 3 -32.43 4.31 15.92
CA THR C 3 -32.40 3.81 14.56
C THR C 3 -31.06 4.14 13.91
N GLU C 4 -30.52 3.19 13.16
CA GLU C 4 -29.35 3.39 12.32
C GLU C 4 -29.79 3.43 10.86
N TYR C 5 -29.35 4.44 10.13
CA TYR C 5 -29.65 4.56 8.70
C TYR C 5 -28.36 4.28 7.94
N LYS C 6 -28.43 3.35 6.97
CA LYS C 6 -27.28 3.03 6.12
C LYS C 6 -27.41 3.86 4.85
N LEU C 7 -26.54 4.88 4.71
CA LEU C 7 -26.63 5.80 3.60
C LEU C 7 -25.45 5.53 2.67
N VAL C 8 -25.69 5.60 1.36
CA VAL C 8 -24.60 5.36 0.39
C VAL C 8 -24.46 6.57 -0.52
N VAL C 9 -23.22 7.05 -0.70
CA VAL C 9 -22.92 8.15 -1.61
C VAL C 9 -22.47 7.55 -2.93
N VAL C 10 -23.06 7.99 -4.04
CA VAL C 10 -22.65 7.52 -5.37
C VAL C 10 -22.42 8.72 -6.27
N GLY C 11 -21.57 8.57 -7.28
CA GLY C 11 -21.38 9.66 -8.22
C GLY C 11 -20.03 9.58 -8.87
N ALA C 12 -19.85 10.39 -9.91
CA ALA C 12 -18.62 10.37 -10.68
C ALA C 12 -17.41 10.67 -9.81
N GLY C 13 -16.23 10.12 -10.22
CA GLY C 13 -15.01 10.42 -9.49
C GLY C 13 -14.29 11.66 -9.99
N GLY C 14 -13.21 12.01 -9.28
CA GLY C 14 -12.34 13.08 -9.73
C GLY C 14 -12.90 14.47 -9.59
N VAL C 15 -14.06 14.63 -8.95
CA VAL C 15 -14.69 15.96 -8.94
C VAL C 15 -15.15 16.32 -7.52
N GLY C 16 -14.41 15.86 -6.50
CA GLY C 16 -14.63 16.34 -5.13
C GLY C 16 -15.79 15.74 -4.36
N LYS C 17 -16.37 14.65 -4.85
CA LYS C 17 -17.48 13.96 -4.16
C LYS C 17 -17.21 13.67 -2.69
N SER C 18 -15.95 13.27 -2.36
CA SER C 18 -15.64 12.86 -0.99
C SER C 18 -15.77 14.00 0.04
N ALA C 19 -15.76 15.25 -0.40
CA ALA C 19 -15.87 16.37 0.56
C ALA C 19 -17.19 16.38 1.29
N LEU C 20 -18.24 15.81 0.68
N LEU C 20 -18.23 15.80 0.70
CA LEU C 20 -19.55 15.80 1.32
CA LEU C 20 -19.54 15.85 1.34
C LEU C 20 -19.50 15.09 2.67
C LEU C 20 -19.54 15.09 2.67
N THR C 21 -19.11 13.82 2.65
CA THR C 21 -19.10 13.06 3.89
C THR C 21 -18.00 13.51 4.83
N ILE C 22 -16.83 13.89 4.29
CA ILE C 22 -15.76 14.37 5.16
C ILE C 22 -16.22 15.58 5.96
N GLN C 23 -16.88 16.53 5.28
CA GLN C 23 -17.26 17.75 6.02
C GLN C 23 -18.37 17.46 7.03
N LEU C 24 -19.25 16.51 6.72
CA LEU C 24 -20.31 16.14 7.66
C LEU C 24 -19.67 15.67 8.94
N ILE C 25 -18.82 14.64 8.79
CA ILE C 25 -18.41 13.72 9.83
C ILE C 25 -17.32 14.37 10.59
N GLN C 26 -16.62 15.30 9.92
CA GLN C 26 -15.49 15.96 10.50
C GLN C 26 -15.89 16.45 11.86
N ASN C 27 -14.91 16.51 12.75
CA ASN C 27 -14.85 17.66 13.63
C ASN C 27 -15.29 18.77 12.68
N HIS C 28 -16.57 19.18 12.72
CA HIS C 28 -17.04 20.19 11.76
C HIS C 28 -15.99 21.27 11.67
N PHE C 29 -15.55 21.72 12.84
CA PHE C 29 -14.65 22.84 13.11
C PHE C 29 -13.16 22.54 13.21
N VAL C 30 -12.65 21.33 13.00
CA VAL C 30 -11.22 21.25 12.75
C VAL C 30 -11.04 20.55 11.43
N ASP C 31 -10.35 21.21 10.51
CA ASP C 31 -10.22 20.70 9.15
C ASP C 31 -9.09 19.67 9.17
N GLU C 32 -9.48 18.41 9.41
CA GLU C 32 -8.58 17.28 9.67
C GLU C 32 -9.37 15.97 9.44
N TYR C 33 -8.66 14.87 9.12
CA TYR C 33 -9.33 13.60 8.90
C TYR C 33 -8.32 12.42 8.95
N ASP C 34 -8.67 11.35 9.66
CA ASP C 34 -8.06 10.06 9.39
C ASP C 34 -9.17 9.08 8.97
N PRO C 35 -9.31 8.78 7.68
CA PRO C 35 -10.40 7.87 7.27
C PRO C 35 -10.17 6.46 7.70
N THR C 36 -8.96 6.11 8.13
CA THR C 36 -8.72 4.73 8.49
C THR C 36 -9.27 4.39 9.86
N ILE C 37 -9.73 5.37 10.66
CA ILE C 37 -10.13 5.03 12.02
C ILE C 37 -11.57 4.58 12.00
N GLU C 38 -11.74 3.32 12.40
CA GLU C 38 -12.95 2.74 12.95
C GLU C 38 -13.96 3.84 13.25
N ASP C 39 -15.02 3.89 12.43
CA ASP C 39 -16.12 4.81 12.68
C ASP C 39 -15.68 6.26 12.51
N SER C 40 -14.97 6.51 11.38
CA SER C 40 -14.83 7.81 10.73
C SER C 40 -15.99 8.08 9.75
N TYR C 41 -17.00 7.22 9.80
CA TYR C 41 -18.12 7.23 8.87
C TYR C 41 -19.40 6.85 9.61
N ARG C 42 -19.38 6.93 10.95
CA ARG C 42 -20.57 6.84 11.78
C ARG C 42 -20.74 8.15 12.54
N LYS C 43 -21.98 8.62 12.63
CA LYS C 43 -22.27 9.90 13.28
C LYS C 43 -23.65 9.90 13.89
N GLN C 44 -23.72 10.20 15.18
CA GLN C 44 -24.98 10.33 15.86
C GLN C 44 -25.47 11.76 15.70
N VAL C 45 -26.72 11.92 15.26
CA VAL C 45 -27.30 13.22 14.95
C VAL C 45 -28.73 13.24 15.45
N VAL C 46 -29.27 14.45 15.60
CA VAL C 46 -30.66 14.66 15.95
C VAL C 46 -31.33 15.36 14.78
N ILE C 47 -32.33 14.70 14.20
CA ILE C 47 -33.06 15.19 13.04
C ILE C 47 -34.53 15.30 13.42
N ASP C 48 -35.07 16.51 13.37
CA ASP C 48 -36.46 16.76 13.78
C ASP C 48 -36.74 16.22 15.17
N GLY C 49 -35.76 16.40 16.07
CA GLY C 49 -35.93 15.99 17.45
C GLY C 49 -35.76 14.51 17.73
N GLU C 50 -35.43 13.69 16.74
CA GLU C 50 -35.27 12.26 16.92
C GLU C 50 -33.83 11.87 16.67
N THR C 51 -33.18 11.30 17.69
CA THR C 51 -31.77 10.94 17.59
C THR C 51 -31.61 9.66 16.80
N CYS C 52 -30.58 9.64 15.95
CA CYS C 52 -30.31 8.45 15.17
C CYS C 52 -28.83 8.39 14.87
N LEU C 53 -28.41 7.27 14.30
CA LEU C 53 -27.04 7.04 13.92
C LEU C 53 -26.96 6.94 12.39
N LEU C 54 -26.10 7.73 11.79
CA LEU C 54 -25.87 7.63 10.35
C LEU C 54 -24.62 6.79 10.12
N ASP C 55 -24.75 5.79 9.26
CA ASP C 55 -23.61 4.98 8.83
C ASP C 55 -23.45 5.29 7.35
N ILE C 56 -22.36 5.95 6.97
CA ILE C 56 -22.25 6.46 5.60
C ILE C 56 -21.19 5.66 4.86
N LEU C 57 -21.56 5.11 3.73
CA LEU C 57 -20.61 4.44 2.84
C LEU C 57 -20.28 5.37 1.69
N ASP C 58 -19.01 5.79 1.60
CA ASP C 58 -18.56 6.60 0.46
C ASP C 58 -17.31 5.92 -0.07
N THR C 59 -17.41 5.28 -1.24
CA THR C 59 -16.27 4.56 -1.81
C THR C 59 -15.51 5.43 -2.79
N ALA C 60 -15.52 6.73 -2.57
CA ALA C 60 -14.78 7.65 -3.43
C ALA C 60 -13.37 7.12 -3.69
N GLY C 61 -12.97 7.17 -4.95
CA GLY C 61 -11.67 6.66 -5.39
C GLY C 61 -11.75 5.27 -6.01
N GLN C 62 -12.87 4.54 -5.80
CA GLN C 62 -13.05 3.19 -6.35
C GLN C 62 -13.94 3.18 -7.57
N GLU C 63 -14.13 4.33 -8.21
CA GLU C 63 -15.09 4.37 -9.33
C GLU C 63 -14.74 3.44 -10.46
N GLU C 64 -13.44 3.17 -10.70
CA GLU C 64 -13.09 2.27 -11.79
C GLU C 64 -13.49 0.82 -11.51
N TYR C 65 -13.77 0.46 -10.27
CA TYR C 65 -14.31 -0.87 -9.96
C TYR C 65 -15.82 -0.88 -10.25
N SER C 66 -16.14 -0.75 -11.54
CA SER C 66 -17.55 -0.49 -11.88
C SER C 66 -18.42 -1.73 -11.68
N ALA C 67 -17.82 -2.94 -11.66
CA ALA C 67 -18.63 -4.13 -11.40
C ALA C 67 -18.84 -4.39 -9.91
N MET C 68 -18.31 -3.53 -9.02
CA MET C 68 -18.62 -3.61 -7.61
C MET C 68 -19.76 -2.69 -7.20
N ARG C 69 -20.30 -1.88 -8.11
CA ARG C 69 -21.33 -0.94 -7.69
C ARG C 69 -22.48 -1.67 -6.99
N ASP C 70 -22.95 -2.79 -7.54
CA ASP C 70 -24.08 -3.47 -6.91
C ASP C 70 -23.72 -3.99 -5.52
N GLN C 71 -22.55 -4.61 -5.37
CA GLN C 71 -22.07 -5.05 -4.07
C GLN C 71 -22.09 -3.92 -3.03
N TYR C 72 -21.68 -2.72 -3.42
CA TYR C 72 -21.69 -1.63 -2.45
C TYR C 72 -23.09 -1.07 -2.25
N MET C 73 -23.86 -0.92 -3.35
CA MET C 73 -25.16 -0.27 -3.24
C MET C 73 -26.13 -1.12 -2.48
N ARG C 74 -25.97 -2.45 -2.58
CA ARG C 74 -26.91 -3.35 -1.93
C ARG C 74 -26.95 -3.10 -0.43
N THR C 75 -25.88 -2.53 0.18
CA THR C 75 -25.83 -2.29 1.61
C THR C 75 -26.78 -1.18 2.05
N GLY C 76 -27.26 -0.33 1.12
CA GLY C 76 -27.83 0.96 1.49
C GLY C 76 -29.35 1.00 1.55
N GLU C 77 -29.86 1.85 2.46
CA GLU C 77 -31.28 2.19 2.56
C GLU C 77 -31.65 3.49 1.87
N GLY C 78 -30.70 4.42 1.78
CA GLY C 78 -30.93 5.67 1.07
C GLY C 78 -29.64 6.07 0.38
N PHE C 79 -29.78 6.87 -0.70
CA PHE C 79 -28.65 7.18 -1.58
C PHE C 79 -28.52 8.68 -1.81
N LEU C 80 -27.29 9.19 -1.71
CA LEU C 80 -27.00 10.54 -2.20
C LEU C 80 -26.38 10.40 -3.57
N CYS C 81 -27.06 10.92 -4.60
CA CYS C 81 -26.48 10.86 -5.96
C CYS C 81 -25.84 12.20 -6.24
N VAL C 82 -24.50 12.25 -6.32
CA VAL C 82 -23.73 13.50 -6.31
C VAL C 82 -23.15 13.75 -7.69
N PHE C 83 -23.27 14.99 -8.17
CA PHE C 83 -22.51 15.43 -9.33
C PHE C 83 -21.84 16.75 -8.98
N ALA C 84 -20.88 17.15 -9.81
CA ALA C 84 -20.20 18.43 -9.61
C ALA C 84 -20.79 19.47 -10.52
N ILE C 85 -21.02 20.68 -9.98
CA ILE C 85 -21.74 21.66 -10.80
C ILE C 85 -20.87 22.28 -11.87
N ASN C 86 -19.56 21.98 -11.88
CA ASN C 86 -18.75 22.39 -13.01
C ASN C 86 -18.33 21.21 -13.88
N ASN C 87 -19.07 20.08 -13.84
CA ASN C 87 -18.72 18.92 -14.66
C ASN C 87 -20.02 18.36 -15.23
N THR C 88 -20.33 18.76 -16.46
N THR C 88 -20.34 18.74 -16.46
CA THR C 88 -21.57 18.32 -17.07
CA THR C 88 -21.60 18.31 -17.05
C THR C 88 -21.65 16.81 -17.22
C THR C 88 -21.67 16.80 -17.24
N LYS C 89 -20.55 16.14 -17.55
CA LYS C 89 -20.62 14.68 -17.67
C LYS C 89 -21.06 14.04 -16.37
N SER C 90 -20.57 14.54 -15.22
CA SER C 90 -20.98 13.93 -13.95
C SER C 90 -22.49 14.08 -13.76
N PHE C 91 -23.07 15.17 -14.26
CA PHE C 91 -24.51 15.39 -14.16
C PHE C 91 -25.24 14.43 -15.09
N GLU C 92 -24.71 14.26 -16.28
CA GLU C 92 -25.32 13.31 -17.21
C GLU C 92 -25.24 11.88 -16.74
N ASP C 93 -24.23 11.52 -15.92
CA ASP C 93 -24.11 10.17 -15.36
C ASP C 93 -25.22 9.84 -14.35
N ILE C 94 -25.96 10.84 -13.84
CA ILE C 94 -26.86 10.58 -12.72
C ILE C 94 -27.94 9.59 -13.12
N HIS C 95 -28.49 9.75 -14.34
CA HIS C 95 -29.57 8.87 -14.75
C HIS C 95 -29.17 7.40 -14.57
N GLN C 96 -27.96 7.05 -14.99
CA GLN C 96 -27.53 5.65 -14.90
C GLN C 96 -27.30 5.20 -13.46
N TYR C 97 -26.78 6.07 -12.60
CA TYR C 97 -26.68 5.69 -11.19
C TYR C 97 -28.06 5.37 -10.63
N ARG C 98 -29.04 6.24 -10.92
CA ARG C 98 -30.38 6.03 -10.41
C ARG C 98 -30.96 4.73 -10.96
N GLU C 99 -30.74 4.45 -12.24
CA GLU C 99 -31.25 3.19 -12.78
C GLU C 99 -30.59 2.00 -12.09
N GLN C 100 -29.29 2.09 -11.79
N GLN C 100 -29.31 2.12 -11.78
CA GLN C 100 -28.65 0.94 -11.14
CA GLN C 100 -28.61 1.02 -11.13
C GLN C 100 -29.11 0.76 -9.70
C GLN C 100 -29.12 0.78 -9.72
N ILE C 101 -29.38 1.86 -8.98
CA ILE C 101 -29.92 1.73 -7.63
C ILE C 101 -31.32 1.09 -7.68
N LYS C 102 -32.17 1.52 -8.62
CA LYS C 102 -33.52 0.91 -8.68
C LYS C 102 -33.41 -0.57 -8.94
N ARG C 103 -32.46 -0.97 -9.77
CA ARG C 103 -32.29 -2.36 -10.10
C ARG C 103 -31.78 -3.18 -8.92
N VAL C 104 -30.76 -2.69 -8.19
N VAL C 104 -30.75 -2.68 -8.22
CA VAL C 104 -30.25 -3.47 -7.06
CA VAL C 104 -30.23 -3.43 -7.07
C VAL C 104 -31.21 -3.50 -5.89
C VAL C 104 -31.29 -3.55 -5.98
N LYS C 105 -32.02 -2.47 -5.73
CA LYS C 105 -33.00 -2.48 -4.65
C LYS C 105 -34.31 -3.11 -5.08
N ASP C 106 -34.48 -3.39 -6.39
CA ASP C 106 -35.71 -3.97 -6.96
C ASP C 106 -36.92 -3.11 -6.57
N SER C 107 -36.76 -1.81 -6.77
CA SER C 107 -37.82 -0.89 -6.41
C SER C 107 -37.76 0.34 -7.30
N ASP C 108 -38.95 0.86 -7.68
CA ASP C 108 -39.00 2.11 -8.42
C ASP C 108 -38.99 3.32 -7.51
N ASP C 109 -39.04 3.13 -6.21
CA ASP C 109 -39.19 4.24 -5.27
C ASP C 109 -38.19 4.04 -4.12
N VAL C 110 -36.90 4.23 -4.41
CA VAL C 110 -35.85 4.12 -3.41
C VAL C 110 -35.56 5.51 -2.85
N PRO C 111 -35.43 5.67 -1.52
CA PRO C 111 -35.08 6.99 -0.96
C PRO C 111 -33.75 7.49 -1.50
N MET C 112 -33.79 8.69 -2.10
CA MET C 112 -32.58 9.26 -2.70
C MET C 112 -32.71 10.78 -2.82
N VAL C 113 -31.55 11.42 -2.86
CA VAL C 113 -31.52 12.86 -3.04
C VAL C 113 -30.49 13.12 -4.12
N LEU C 114 -30.72 14.17 -4.90
CA LEU C 114 -29.76 14.64 -5.89
C LEU C 114 -28.94 15.75 -5.25
N VAL C 115 -27.61 15.69 -5.35
CA VAL C 115 -26.74 16.68 -4.71
C VAL C 115 -25.84 17.27 -5.76
N GLY C 116 -25.87 18.60 -5.90
CA GLY C 116 -24.98 19.30 -6.78
C GLY C 116 -23.89 19.90 -5.91
N ASN C 117 -22.64 19.50 -6.17
CA ASN C 117 -21.51 19.85 -5.30
C ASN C 117 -20.61 20.89 -5.99
N LYS C 118 -20.30 21.97 -5.28
N LYS C 118 -20.33 22.00 -5.30
CA LYS C 118 -19.37 23.00 -5.78
CA LYS C 118 -19.38 22.97 -5.81
C LYS C 118 -18.00 22.70 -5.21
C LYS C 118 -18.03 22.62 -5.20
N CYS C 119 -17.12 22.11 -6.03
CA CYS C 119 -15.84 21.60 -5.57
C CYS C 119 -14.70 22.54 -5.89
N ASP C 120 -14.92 23.60 -6.64
CA ASP C 120 -13.88 24.60 -6.75
C ASP C 120 -14.49 25.89 -7.30
N LEU C 121 -13.63 26.83 -7.66
CA LEU C 121 -14.06 28.12 -8.18
C LEU C 121 -14.12 28.13 -9.71
N ALA C 122 -13.71 27.04 -10.37
CA ALA C 122 -13.93 26.87 -11.81
C ALA C 122 -15.40 27.12 -12.18
N ALA C 123 -15.64 27.57 -13.40
CA ALA C 123 -16.97 28.10 -13.74
C ALA C 123 -18.02 27.01 -13.69
N ARG C 124 -19.18 27.35 -13.16
CA ARG C 124 -20.30 26.42 -13.15
C ARG C 124 -20.80 26.12 -14.56
N THR C 125 -21.10 24.84 -14.87
CA THR C 125 -21.64 24.49 -16.17
C THR C 125 -23.00 23.84 -16.07
N VAL C 126 -23.44 23.45 -14.88
CA VAL C 126 -24.79 22.95 -14.68
C VAL C 126 -25.53 23.98 -13.86
N GLU C 127 -26.57 24.59 -14.44
CA GLU C 127 -27.31 25.60 -13.70
C GLU C 127 -28.28 24.94 -12.73
N SER C 128 -28.55 25.65 -11.64
N SER C 128 -28.56 25.63 -11.66
CA SER C 128 -29.51 25.21 -10.62
CA SER C 128 -29.44 25.05 -10.65
C SER C 128 -30.81 24.72 -11.24
C SER C 128 -30.81 24.68 -11.24
N ARG C 129 -31.31 25.49 -12.20
CA ARG C 129 -32.61 25.17 -12.83
C ARG C 129 -32.56 23.83 -13.55
N GLN C 130 -31.45 23.55 -14.25
CA GLN C 130 -31.32 22.24 -14.91
C GLN C 130 -31.39 21.09 -13.91
N ALA C 131 -30.70 21.24 -12.76
CA ALA C 131 -30.68 20.18 -11.76
C ALA C 131 -32.02 20.07 -11.02
N GLN C 132 -32.65 21.22 -10.71
N GLN C 132 -32.65 21.21 -10.72
CA GLN C 132 -33.99 21.16 -10.12
CA GLN C 132 -33.98 21.14 -10.12
C GLN C 132 -34.95 20.44 -11.06
C GLN C 132 -34.97 20.46 -11.05
N ASP C 133 -34.87 20.73 -12.36
CA ASP C 133 -35.78 20.08 -13.29
C ASP C 133 -35.55 18.57 -13.31
N LEU C 134 -34.28 18.15 -13.29
CA LEU C 134 -34.00 16.73 -13.27
C LEU C 134 -34.57 16.09 -12.00
N ALA C 135 -34.25 16.68 -10.84
CA ALA C 135 -34.78 16.14 -9.58
C ALA C 135 -36.30 16.07 -9.60
N ARG C 136 -36.94 17.10 -10.14
CA ARG C 136 -38.41 17.08 -10.17
C ARG C 136 -38.90 15.97 -11.08
N SER C 137 -38.17 15.71 -12.19
CA SER C 137 -38.61 14.64 -13.09
C SER C 137 -38.53 13.27 -12.41
N TYR C 138 -37.64 13.11 -11.43
CA TYR C 138 -37.47 11.89 -10.65
C TYR C 138 -38.32 11.87 -9.40
N GLY C 139 -38.90 12.98 -9.01
CA GLY C 139 -39.62 13.02 -7.77
C GLY C 139 -38.75 13.00 -6.53
N ILE C 140 -37.57 13.61 -6.58
CA ILE C 140 -36.67 13.58 -5.43
C ILE C 140 -36.19 14.99 -5.12
N PRO C 141 -35.70 15.22 -3.91
CA PRO C 141 -35.18 16.55 -3.57
C PRO C 141 -33.85 16.84 -4.25
N TYR C 142 -33.53 18.13 -4.35
CA TYR C 142 -32.24 18.60 -4.87
C TYR C 142 -31.62 19.49 -3.82
N ILE C 143 -30.37 19.22 -3.47
CA ILE C 143 -29.62 20.04 -2.50
C ILE C 143 -28.33 20.43 -3.17
N GLU C 144 -27.92 21.70 -3.06
CA GLU C 144 -26.58 22.10 -3.47
C GLU C 144 -25.68 22.29 -2.27
N THR C 145 -24.41 21.91 -2.43
CA THR C 145 -23.46 21.91 -1.34
C THR C 145 -22.15 22.54 -1.79
N SER C 146 -21.42 23.10 -0.82
CA SER C 146 -20.05 23.55 -1.08
C SER C 146 -19.05 22.56 -0.49
N ALA C 147 -18.00 22.23 -1.26
CA ALA C 147 -16.95 21.33 -0.80
C ALA C 147 -15.99 22.02 0.15
N LYS C 148 -16.12 23.35 0.31
CA LYS C 148 -15.18 24.11 1.10
C LYS C 148 -15.78 24.76 2.34
N THR C 149 -17.04 25.19 2.31
CA THR C 149 -17.58 25.97 3.40
C THR C 149 -18.56 25.21 4.27
N ARG C 150 -18.81 23.94 3.95
CA ARG C 150 -19.78 23.08 4.60
C ARG C 150 -21.23 23.49 4.33
N GLN C 151 -21.49 24.51 3.50
CA GLN C 151 -22.88 24.87 3.23
C GLN C 151 -23.61 23.72 2.53
N GLY C 152 -24.84 23.47 2.97
CA GLY C 152 -25.65 22.44 2.30
C GLY C 152 -25.40 21.04 2.77
N VAL C 153 -24.31 20.78 3.47
CA VAL C 153 -23.93 19.41 3.77
C VAL C 153 -24.91 18.74 4.74
N GLU C 154 -25.22 19.40 5.86
N GLU C 154 -25.21 19.40 5.86
CA GLU C 154 -26.21 18.82 6.77
CA GLU C 154 -26.21 18.85 6.78
C GLU C 154 -27.56 18.69 6.10
C GLU C 154 -27.55 18.68 6.08
N ASP C 155 -27.94 19.68 5.28
CA ASP C 155 -29.24 19.62 4.58
C ASP C 155 -29.30 18.38 3.66
N ALA C 156 -28.18 18.05 2.98
CA ALA C 156 -28.24 16.90 2.06
C ALA C 156 -28.51 15.61 2.83
N PHE C 157 -27.75 15.39 3.90
CA PHE C 157 -27.93 14.14 4.63
C PHE C 157 -29.26 14.11 5.38
N TYR C 158 -29.64 15.22 6.03
CA TYR C 158 -30.90 15.22 6.80
C TYR C 158 -32.10 15.07 5.86
N THR C 159 -32.04 15.70 4.69
CA THR C 159 -33.14 15.54 3.73
C THR C 159 -33.28 14.07 3.33
N LEU C 160 -32.14 13.39 3.14
CA LEU C 160 -32.21 11.95 2.80
C LEU C 160 -32.82 11.15 3.94
N VAL C 161 -32.41 11.41 5.20
CA VAL C 161 -33.05 10.70 6.31
C VAL C 161 -34.55 10.95 6.32
N ARG C 162 -34.99 12.18 6.06
CA ARG C 162 -36.43 12.45 6.03
C ARG C 162 -37.10 11.66 4.90
N GLU C 163 -36.42 11.49 3.75
CA GLU C 163 -36.99 10.66 2.69
C GLU C 163 -37.14 9.22 3.15
N ILE C 164 -36.16 8.69 3.89
CA ILE C 164 -36.29 7.34 4.41
C ILE C 164 -37.45 7.26 5.39
N ARG C 165 -37.51 8.20 6.35
CA ARG C 165 -38.56 8.16 7.37
C ARG C 165 -39.94 8.27 6.76
N GLN C 166 -40.08 9.01 5.66
CA GLN C 166 -41.39 9.23 5.05
C GLN C 166 -41.70 8.26 3.92
N HIS C 167 -40.84 7.26 3.69
CA HIS C 167 -41.01 6.35 2.57
C HIS C 167 -42.33 5.58 2.66
PG GNP D . 27.76 -2.96 3.63
O1G GNP D . 26.34 -2.41 3.43
O2G GNP D . 28.77 -2.07 2.88
O3G GNP D . 28.09 -3.07 5.12
N3B GNP D . 27.86 -4.47 2.91
PB GNP D . 26.81 -5.75 3.28
O1B GNP D . 25.42 -5.27 3.27
O2B GNP D . 27.20 -6.42 4.57
O3A GNP D . 27.07 -6.77 2.10
PA GNP D . 26.20 -6.99 0.79
O1A GNP D . 24.84 -7.63 1.16
O2A GNP D . 26.21 -5.75 -0.01
O5' GNP D . 27.02 -8.12 0.08
C5' GNP D . 28.41 -7.90 -0.30
C4' GNP D . 28.75 -8.85 -1.41
O4' GNP D . 28.74 -10.21 -0.90
C3' GNP D . 27.83 -8.83 -2.62
O3' GNP D . 28.56 -9.05 -3.83
C2' GNP D . 26.91 -10.03 -2.35
O2' GNP D . 26.39 -10.62 -3.54
C1' GNP D . 27.88 -11.01 -1.67
N9 GNP D . 27.17 -11.93 -0.77
C8 GNP D . 26.37 -11.56 0.30
N7 GNP D . 25.86 -12.59 0.96
C5 GNP D . 26.40 -13.71 0.31
C6 GNP D . 26.22 -15.13 0.52
O6 GNP D . 25.53 -15.69 1.41
N1 GNP D . 26.94 -15.90 -0.40
C2 GNP D . 27.74 -15.39 -1.40
N2 GNP D . 28.38 -16.28 -2.18
N3 GNP D . 27.90 -14.09 -1.61
C4 GNP D . 27.21 -13.31 -0.77
MG MG E . 24.61 -3.42 3.04
N1 FWA F . -25.68 -12.67 1.54
N3 FWA F . -29.30 -14.66 -1.98
C4 FWA F . -26.89 -13.40 3.55
C5 FWA F . -25.34 -12.87 0.20
C6 FWA F . -24.03 -12.57 -0.29
C7 FWA F . -23.78 -12.77 -1.62
C8 FWA F . -24.58 -13.21 -2.58
C10 FWA F . -26.23 -13.35 -0.76
C13 FWA F . -31.35 -14.64 -2.14
C15 FWA F . -32.28 -15.91 -2.27
C17 FWA F . -27.11 -14.12 -4.19
C20 FWA F . -26.13 -17.83 -4.25
C21 FWA F . -25.46 -18.87 -3.39
C22 FWA F . -26.59 -18.14 -5.51
C24 FWA F . -27.59 -17.60 -7.73
N FWA F . -25.94 -12.63 4.39
C FWA F . -26.62 -12.22 5.68
C1 FWA F . -25.44 -11.41 3.68
C11 FWA F . -28.02 -14.08 -1.72
C12 FWA F . -30.38 -14.55 -0.97
C14 FWA F . -32.56 -13.71 -2.25
C16 FWA F . -30.19 -14.45 -3.17
C18 FWA F . -26.96 -15.55 -4.60
C19 FWA F . -26.32 -16.53 -3.76
C2 FWA F . -24.71 -11.84 2.34
C23 FWA F . -27.19 -17.18 -6.33
C25 FWA F . -27.39 -15.90 -5.89
C3 FWA F . -26.17 -13.82 2.25
C9 FWA F . -25.89 -13.50 -2.08
F FWA F . -26.47 -19.38 -6.01
N2 FWA F . -27.59 -13.70 -0.50
N4 FWA F . -33.44 -14.97 -2.54
N5 FWA F . -27.04 -13.95 -2.75
CL FWA F . -22.15 -12.30 -2.19
C FMT G . 25.92 18.11 19.43
O1 FMT G . 25.91 19.28 19.04
O2 FMT G . 25.54 17.17 18.74
C FMT H . -2.22 -34.53 -21.09
O1 FMT H . -3.28 -34.59 -21.72
O2 FMT H . -2.12 -34.51 -19.85
C FMT I . 22.89 6.54 8.77
O1 FMT I . 22.18 7.44 8.37
O2 FMT I . 23.45 6.51 9.88
C FMT J . 21.31 19.43 12.09
O1 FMT J . 21.68 18.58 11.34
O2 FMT J . 21.57 19.39 13.31
C FMT K . -24.83 -30.84 -26.06
O1 FMT K . -25.29 -30.91 -24.92
O2 FMT K . -24.67 -29.78 -26.68
C1 GOL L . 5.96 -14.48 -8.28
O1 GOL L . 7.26 -14.10 -8.72
C2 GOL L . 5.09 -13.40 -8.91
O2 GOL L . 5.13 -13.52 -10.33
C3 GOL L . 3.61 -13.39 -8.22
O3 GOL L . 3.70 -13.54 -6.80
C1 GOL M . -3.90 -24.09 -4.28
O1 GOL M . -2.64 -24.20 -4.77
C2 GOL M . -4.33 -25.50 -3.74
O2 GOL M . -3.39 -25.98 -2.86
C3 GOL M . -5.58 -25.20 -2.93
O3 GOL M . -6.64 -25.97 -3.41
C FMT N . -13.86 12.09 -5.35
O1 FMT N . -13.83 12.52 -4.20
O2 FMT N . -14.25 11.00 -5.87
NA NA O . -18.51 20.64 -17.80
#